data_2FHW
#
_entry.id   2FHW
#
loop_
_entity.id
_entity.type
_entity.pdbx_description
1 polymer 'Relaxin 3 (Prorelaxin H3) (Insulin-like peptide INSL7) (Insulin-like peptide 7)'
2 polymer 'Relaxin 3 (Prorelaxin H3) (Insulin-like peptide INSL7) (Insulin-like peptide 7)'
#
loop_
_entity_poly.entity_id
_entity_poly.type
_entity_poly.pdbx_seq_one_letter_code
_entity_poly.pdbx_strand_id
1 'polypeptide(L)' RAAPYGVRLCGREFIRAVIFTCGGSRW B
2 'polypeptide(L)' DVLAGLSSSCCKWGCSKSEISSLC A
#
# COMPACT_ATOMS: atom_id res chain seq x y z
N ARG A 1 15.45 -1.36 -3.20
CA ARG A 1 14.02 -1.51 -2.85
C ARG A 1 13.43 -2.69 -3.61
N ALA A 2 12.55 -3.43 -2.95
CA ALA A 2 11.91 -4.58 -3.56
C ALA A 2 10.40 -4.36 -3.60
N ALA A 3 9.65 -5.45 -3.55
CA ALA A 3 8.20 -5.39 -3.57
C ALA A 3 7.68 -4.72 -2.29
N PRO A 4 6.69 -3.82 -2.42
CA PRO A 4 6.10 -3.11 -1.29
C PRO A 4 5.18 -4.00 -0.45
N TYR A 5 5.69 -5.15 -0.03
CA TYR A 5 4.93 -6.10 0.76
C TYR A 5 5.23 -5.96 2.24
N GLY A 6 5.78 -4.81 2.62
CA GLY A 6 6.10 -4.56 4.01
C GLY A 6 7.09 -3.43 4.13
N VAL A 7 6.72 -2.26 3.61
CA VAL A 7 7.59 -1.08 3.67
C VAL A 7 6.77 0.19 3.79
N ARG A 8 7.42 1.32 3.66
CA ARG A 8 6.76 2.61 3.74
C ARG A 8 6.21 3.00 2.38
N LEU A 9 4.95 3.35 2.37
CA LEU A 9 4.26 3.77 1.14
C LEU A 9 3.61 5.13 1.32
N CYS A 10 4.05 6.11 0.54
CA CYS A 10 3.51 7.45 0.65
C CYS A 10 2.74 7.85 -0.61
N GLY A 11 1.47 8.20 -0.43
CA GLY A 11 0.61 8.64 -1.52
C GLY A 11 0.63 7.72 -2.73
N ARG A 12 1.31 8.15 -3.78
CA ARG A 12 1.42 7.39 -5.03
C ARG A 12 2.00 6.00 -4.81
N GLU A 13 2.91 5.88 -3.85
CA GLU A 13 3.53 4.60 -3.57
C GLU A 13 2.51 3.70 -2.90
N PHE A 14 1.66 4.32 -2.10
CA PHE A 14 0.59 3.62 -1.40
C PHE A 14 -0.37 3.00 -2.40
N ILE A 15 -0.88 3.82 -3.31
CA ILE A 15 -1.82 3.36 -4.31
C ILE A 15 -1.21 2.27 -5.19
N ARG A 16 -0.02 2.51 -5.73
CA ARG A 16 0.64 1.51 -6.55
C ARG A 16 0.91 0.25 -5.75
N ALA A 17 1.20 0.39 -4.47
CA ALA A 17 1.45 -0.75 -3.60
C ALA A 17 0.20 -1.59 -3.47
N VAL A 18 -0.94 -0.92 -3.37
CA VAL A 18 -2.22 -1.61 -3.26
C VAL A 18 -2.42 -2.47 -4.49
N ILE A 19 -2.20 -1.85 -5.63
CA ILE A 19 -2.32 -2.53 -6.89
C ILE A 19 -1.35 -3.70 -6.95
N PHE A 20 -0.09 -3.40 -6.66
CA PHE A 20 0.99 -4.38 -6.69
C PHE A 20 0.75 -5.57 -5.77
N THR A 21 0.31 -5.30 -4.56
CA THR A 21 0.05 -6.36 -3.60
C THR A 21 -1.06 -7.28 -4.09
N CYS A 22 -2.08 -6.67 -4.67
CA CYS A 22 -3.23 -7.40 -5.17
C CYS A 22 -3.00 -8.04 -6.54
N GLY A 23 -1.94 -7.66 -7.24
CA GLY A 23 -1.69 -8.24 -8.55
C GLY A 23 -0.75 -7.42 -9.40
N GLY A 24 -0.77 -6.10 -9.20
CA GLY A 24 0.08 -5.20 -9.95
C GLY A 24 -0.54 -4.79 -11.26
N SER A 25 -1.03 -5.75 -12.03
CA SER A 25 -1.66 -5.46 -13.30
C SER A 25 -3.18 -5.61 -13.20
N ARG A 26 -3.72 -5.13 -12.09
CA ARG A 26 -5.16 -5.18 -11.85
C ARG A 26 -5.81 -3.86 -12.21
N TRP A 27 -5.07 -2.81 -11.92
CA TRP A 27 -5.49 -1.43 -12.16
C TRP A 27 -4.36 -0.46 -11.82
N ASP B 1 -9.73 9.57 5.76
CA ASP B 1 -10.69 8.48 5.48
C ASP B 1 -10.07 7.13 5.78
N VAL B 2 -10.59 6.08 5.17
CA VAL B 2 -10.07 4.73 5.38
C VAL B 2 -8.71 4.58 4.70
N LEU B 3 -8.63 4.97 3.43
CA LEU B 3 -7.39 4.88 2.69
C LEU B 3 -6.39 5.90 3.19
N ALA B 4 -6.79 7.15 3.30
CA ALA B 4 -5.90 8.20 3.79
C ALA B 4 -5.44 7.84 5.20
N GLY B 5 -6.35 7.26 5.97
CA GLY B 5 -6.03 6.85 7.31
C GLY B 5 -4.91 5.83 7.33
N LEU B 6 -5.02 4.81 6.49
CA LEU B 6 -3.99 3.78 6.40
C LEU B 6 -2.75 4.36 5.73
N SER B 7 -2.99 5.17 4.69
CA SER B 7 -1.93 5.81 3.93
C SER B 7 -0.99 6.58 4.87
N SER B 8 -1.58 7.26 5.84
CA SER B 8 -0.82 8.02 6.82
C SER B 8 0.15 7.10 7.57
N SER B 9 -0.34 5.94 7.98
CA SER B 9 0.48 4.96 8.69
C SER B 9 1.46 4.30 7.74
N CYS B 10 1.01 4.01 6.52
CA CYS B 10 1.87 3.37 5.52
C CYS B 10 3.07 4.26 5.21
N CYS B 11 2.85 5.56 5.15
CA CYS B 11 3.90 6.51 4.86
C CYS B 11 4.74 6.79 6.10
N LYS B 12 4.06 6.98 7.22
CA LYS B 12 4.71 7.28 8.50
C LYS B 12 5.57 6.12 8.98
N TRP B 13 4.97 4.94 9.02
CA TRP B 13 5.66 3.76 9.49
C TRP B 13 5.86 2.75 8.35
N GLY B 14 4.77 2.37 7.72
CA GLY B 14 4.81 1.42 6.64
C GLY B 14 3.64 0.46 6.71
N CYS B 15 3.50 -0.40 5.72
CA CYS B 15 2.40 -1.35 5.67
C CYS B 15 2.84 -2.64 4.99
N SER B 16 2.26 -3.75 5.44
CA SER B 16 2.58 -5.06 4.91
C SER B 16 1.58 -5.45 3.82
N LYS B 17 1.93 -6.46 3.03
CA LYS B 17 1.08 -6.92 1.95
C LYS B 17 -0.32 -7.23 2.44
N SER B 18 -0.41 -7.76 3.64
CA SER B 18 -1.69 -8.11 4.23
C SER B 18 -2.60 -6.88 4.34
N GLU B 19 -2.07 -5.83 4.97
CA GLU B 19 -2.81 -4.60 5.17
C GLU B 19 -3.16 -3.94 3.84
N ILE B 20 -2.20 -3.93 2.93
CA ILE B 20 -2.38 -3.30 1.64
C ILE B 20 -3.34 -4.09 0.73
N SER B 21 -3.17 -5.40 0.66
CA SER B 21 -4.03 -6.23 -0.17
C SER B 21 -5.48 -6.22 0.30
N SER B 22 -5.68 -5.99 1.59
CA SER B 22 -7.03 -5.95 2.17
C SER B 22 -7.80 -4.73 1.67
N LEU B 23 -7.14 -3.89 0.90
CA LEU B 23 -7.76 -2.69 0.37
C LEU B 23 -8.39 -2.93 -1.00
N CYS B 24 -8.20 -4.13 -1.54
CA CYS B 24 -8.75 -4.46 -2.85
C CYS B 24 -10.03 -5.29 -2.77
N ARG A 1 6.45 -6.53 -12.07
CA ARG A 1 6.34 -5.52 -10.99
C ARG A 1 7.05 -6.00 -9.74
N ALA A 2 7.37 -5.09 -8.83
CA ALA A 2 8.06 -5.43 -7.59
C ALA A 2 7.10 -6.07 -6.58
N ALA A 3 7.39 -5.87 -5.31
CA ALA A 3 6.54 -6.43 -4.24
C ALA A 3 6.76 -5.71 -2.92
N PRO A 4 6.20 -4.50 -2.76
CA PRO A 4 6.31 -3.71 -1.52
C PRO A 4 5.37 -4.25 -0.45
N TYR A 5 5.49 -5.54 -0.16
CA TYR A 5 4.65 -6.22 0.80
C TYR A 5 5.10 -6.01 2.25
N GLY A 6 5.64 -4.83 2.55
CA GLY A 6 6.08 -4.54 3.90
C GLY A 6 7.07 -3.42 3.96
N VAL A 7 6.69 -2.25 3.44
CA VAL A 7 7.59 -1.09 3.43
C VAL A 7 6.80 0.20 3.60
N ARG A 8 7.47 1.33 3.45
CA ARG A 8 6.83 2.62 3.59
C ARG A 8 6.25 3.03 2.24
N LEU A 9 4.98 3.38 2.26
CA LEU A 9 4.27 3.80 1.05
C LEU A 9 3.66 5.18 1.24
N CYS A 10 4.07 6.14 0.41
CA CYS A 10 3.55 7.49 0.51
C CYS A 10 2.78 7.88 -0.74
N GLY A 11 1.50 8.21 -0.56
CA GLY A 11 0.64 8.64 -1.66
C GLY A 11 0.69 7.72 -2.88
N ARG A 12 1.40 8.16 -3.90
CA ARG A 12 1.53 7.40 -5.15
C ARG A 12 2.11 6.01 -4.92
N GLU A 13 3.03 5.89 -3.97
CA GLU A 13 3.63 4.60 -3.65
C GLU A 13 2.60 3.70 -3.01
N PHE A 14 1.73 4.33 -2.23
CA PHE A 14 0.66 3.63 -1.56
C PHE A 14 -0.28 3.01 -2.58
N ILE A 15 -0.73 3.83 -3.52
CA ILE A 15 -1.64 3.37 -4.57
C ILE A 15 -1.00 2.25 -5.38
N ARG A 16 0.23 2.45 -5.80
CA ARG A 16 0.93 1.42 -6.58
C ARG A 16 1.09 0.15 -5.74
N ALA A 17 1.36 0.32 -4.46
CA ALA A 17 1.51 -0.81 -3.55
C ALA A 17 0.21 -1.59 -3.46
N VAL A 18 -0.91 -0.87 -3.46
CA VAL A 18 -2.22 -1.51 -3.40
C VAL A 18 -2.37 -2.40 -4.61
N ILE A 19 -2.09 -1.84 -5.77
CA ILE A 19 -2.18 -2.59 -7.01
C ILE A 19 -1.26 -3.79 -6.93
N PHE A 20 -0.02 -3.52 -6.56
CA PHE A 20 1.03 -4.54 -6.44
C PHE A 20 0.67 -5.66 -5.48
N THR A 21 0.08 -5.32 -4.35
CA THR A 21 -0.28 -6.33 -3.37
C THR A 21 -1.38 -7.22 -3.92
N CYS A 22 -2.37 -6.61 -4.55
CA CYS A 22 -3.49 -7.34 -5.13
C CYS A 22 -3.01 -8.24 -6.27
N GLY A 23 -2.06 -7.73 -7.06
CA GLY A 23 -1.55 -8.50 -8.18
C GLY A 23 -0.48 -7.74 -8.95
N GLY A 24 -0.59 -6.43 -8.98
CA GLY A 24 0.36 -5.59 -9.69
C GLY A 24 0.04 -5.53 -11.17
N SER A 25 -1.23 -5.70 -11.46
CA SER A 25 -1.74 -5.69 -12.82
C SER A 25 -3.27 -5.71 -12.75
N ARG A 26 -3.87 -4.52 -12.68
CA ARG A 26 -5.32 -4.39 -12.57
C ARG A 26 -5.72 -2.96 -12.81
N TRP A 27 -4.90 -2.06 -12.30
CA TRP A 27 -5.12 -0.63 -12.39
C TRP A 27 -3.87 0.10 -11.89
N ASP B 1 -10.06 8.88 5.90
CA ASP B 1 -10.94 7.70 5.75
C ASP B 1 -10.14 6.43 6.02
N VAL B 2 -10.55 5.33 5.40
CA VAL B 2 -9.86 4.07 5.55
C VAL B 2 -8.54 4.11 4.79
N LEU B 3 -8.58 4.64 3.56
CA LEU B 3 -7.39 4.75 2.74
C LEU B 3 -6.44 5.79 3.31
N ALA B 4 -6.93 7.01 3.52
CA ALA B 4 -6.09 8.06 4.08
C ALA B 4 -5.57 7.62 5.44
N GLY B 5 -6.42 6.90 6.18
CA GLY B 5 -6.03 6.40 7.48
C GLY B 5 -4.87 5.43 7.38
N LEU B 6 -4.97 4.46 6.47
CA LEU B 6 -3.91 3.50 6.27
C LEU B 6 -2.71 4.17 5.62
N SER B 7 -3.00 5.00 4.64
CA SER B 7 -1.99 5.75 3.89
C SER B 7 -1.10 6.53 4.85
N SER B 8 -1.71 7.14 5.86
CA SER B 8 -0.98 7.91 6.86
C SER B 8 0.04 7.00 7.56
N SER B 9 -0.38 5.80 7.91
CA SER B 9 0.49 4.84 8.57
C SER B 9 1.52 4.26 7.61
N CYS B 10 1.09 3.99 6.37
CA CYS B 10 1.98 3.44 5.36
C CYS B 10 3.16 4.37 5.08
N CYS B 11 2.89 5.66 5.03
CA CYS B 11 3.94 6.63 4.76
C CYS B 11 4.72 6.96 6.03
N LYS B 12 4.00 7.06 7.15
CA LYS B 12 4.60 7.38 8.43
C LYS B 12 5.48 6.26 8.95
N TRP B 13 4.98 5.04 8.83
CA TRP B 13 5.72 3.88 9.30
C TRP B 13 5.94 2.87 8.19
N GLY B 14 4.84 2.43 7.58
CA GLY B 14 4.90 1.46 6.52
C GLY B 14 3.71 0.53 6.59
N CYS B 15 3.55 -0.34 5.60
CA CYS B 15 2.44 -1.27 5.57
C CYS B 15 2.85 -2.58 4.90
N SER B 16 2.27 -3.67 5.38
CA SER B 16 2.55 -5.00 4.86
C SER B 16 1.50 -5.36 3.82
N LYS B 17 1.74 -6.44 3.08
CA LYS B 17 0.80 -6.88 2.06
C LYS B 17 -0.59 -7.07 2.64
N SER B 18 -0.63 -7.57 3.84
CA SER B 18 -1.89 -7.82 4.52
C SER B 18 -2.73 -6.54 4.61
N GLU B 19 -2.13 -5.50 5.17
CA GLU B 19 -2.80 -4.21 5.33
C GLU B 19 -3.20 -3.61 3.99
N ILE B 20 -2.28 -3.66 3.04
CA ILE B 20 -2.51 -3.10 1.73
C ILE B 20 -3.54 -3.91 0.92
N SER B 21 -3.42 -5.22 0.95
CA SER B 21 -4.32 -6.09 0.22
C SER B 21 -5.75 -6.01 0.79
N SER B 22 -5.87 -5.52 2.02
CA SER B 22 -7.19 -5.37 2.63
C SER B 22 -8.02 -4.33 1.87
N LEU B 23 -7.36 -3.60 0.99
CA LEU B 23 -8.01 -2.57 0.19
C LEU B 23 -8.10 -2.96 -1.29
N CYS B 24 -8.10 -4.25 -1.56
CA CYS B 24 -8.18 -4.75 -2.93
C CYS B 24 -9.62 -4.80 -3.43
N ARG A 1 9.90 -6.13 -11.22
CA ARG A 1 8.98 -5.47 -10.26
C ARG A 1 9.30 -5.92 -8.85
N ALA A 2 9.14 -5.02 -7.89
CA ALA A 2 9.40 -5.35 -6.49
C ALA A 2 8.09 -5.75 -5.82
N ALA A 3 8.02 -5.53 -4.52
CA ALA A 3 6.84 -5.86 -3.74
C ALA A 3 6.81 -5.09 -2.43
N PRO A 4 5.76 -4.27 -2.20
CA PRO A 4 5.60 -3.48 -0.99
C PRO A 4 5.07 -4.32 0.18
N TYR A 5 5.70 -5.46 0.38
CA TYR A 5 5.29 -6.39 1.42
C TYR A 5 5.96 -6.07 2.76
N GLY A 6 5.62 -4.91 3.31
CA GLY A 6 6.19 -4.49 4.58
C GLY A 6 7.17 -3.35 4.42
N VAL A 7 6.76 -2.31 3.71
CA VAL A 7 7.61 -1.15 3.49
C VAL A 7 6.82 0.14 3.63
N ARG A 8 7.48 1.27 3.48
CA ARG A 8 6.83 2.57 3.58
C ARG A 8 6.25 2.96 2.24
N LEU A 9 4.99 3.32 2.26
CA LEU A 9 4.29 3.75 1.05
C LEU A 9 3.69 5.14 1.24
N CYS A 10 4.14 6.10 0.43
CA CYS A 10 3.63 7.46 0.54
C CYS A 10 2.85 7.87 -0.70
N GLY A 11 1.59 8.23 -0.50
CA GLY A 11 0.73 8.67 -1.59
C GLY A 11 0.72 7.76 -2.81
N ARG A 12 1.43 8.20 -3.84
CA ARG A 12 1.53 7.45 -5.09
C ARG A 12 2.09 6.04 -4.88
N GLU A 13 3.01 5.89 -3.94
CA GLU A 13 3.61 4.61 -3.64
C GLU A 13 2.58 3.71 -3.01
N PHE A 14 1.72 4.33 -2.22
CA PHE A 14 0.63 3.64 -1.55
C PHE A 14 -0.32 3.05 -2.57
N ILE A 15 -0.74 3.90 -3.50
CA ILE A 15 -1.66 3.50 -4.55
C ILE A 15 -1.08 2.35 -5.38
N ARG A 16 0.15 2.52 -5.85
CA ARG A 16 0.79 1.47 -6.64
C ARG A 16 0.97 0.21 -5.80
N ALA A 17 1.19 0.40 -4.50
CA ALA A 17 1.35 -0.72 -3.58
C ALA A 17 0.06 -1.52 -3.52
N VAL A 18 -1.06 -0.81 -3.45
CA VAL A 18 -2.37 -1.44 -3.42
C VAL A 18 -2.53 -2.28 -4.66
N ILE A 19 -2.21 -1.68 -5.79
CA ILE A 19 -2.29 -2.37 -7.06
C ILE A 19 -1.42 -3.62 -7.03
N PHE A 20 -0.19 -3.43 -6.59
CA PHE A 20 0.81 -4.50 -6.50
C PHE A 20 0.36 -5.64 -5.60
N THR A 21 -0.22 -5.33 -4.46
CA THR A 21 -0.68 -6.36 -3.54
C THR A 21 -1.82 -7.16 -4.16
N CYS A 22 -2.72 -6.47 -4.83
CA CYS A 22 -3.85 -7.12 -5.49
C CYS A 22 -3.36 -7.99 -6.65
N GLY A 23 -2.30 -7.54 -7.31
CA GLY A 23 -1.75 -8.27 -8.43
C GLY A 23 -0.63 -7.50 -9.13
N GLY A 24 -0.82 -6.19 -9.23
CA GLY A 24 0.16 -5.34 -9.86
C GLY A 24 -0.30 -4.86 -11.22
N SER A 25 -0.89 -5.75 -11.99
CA SER A 25 -1.40 -5.41 -13.31
C SER A 25 -2.92 -5.48 -13.32
N ARG A 26 -3.53 -4.98 -12.25
CA ARG A 26 -4.98 -4.96 -12.11
C ARG A 26 -5.54 -3.62 -12.54
N TRP A 27 -4.77 -2.59 -12.21
CA TRP A 27 -5.12 -1.20 -12.50
C TRP A 27 -3.95 -0.29 -12.15
N ASP B 1 -11.10 8.55 6.66
CA ASP B 1 -11.53 7.39 5.83
C ASP B 1 -10.74 6.16 6.21
N VAL B 2 -10.52 5.28 5.26
CA VAL B 2 -9.75 4.07 5.47
C VAL B 2 -8.42 4.15 4.72
N LEU B 3 -8.47 4.64 3.49
CA LEU B 3 -7.27 4.75 2.67
C LEU B 3 -6.30 5.79 3.19
N ALA B 4 -6.75 7.03 3.33
CA ALA B 4 -5.87 8.07 3.85
C ALA B 4 -5.42 7.71 5.25
N GLY B 5 -6.30 7.06 5.99
CA GLY B 5 -5.97 6.61 7.33
C GLY B 5 -4.83 5.61 7.32
N LEU B 6 -4.91 4.63 6.43
CA LEU B 6 -3.86 3.63 6.32
C LEU B 6 -2.63 4.26 5.66
N SER B 7 -2.90 5.05 4.62
CA SER B 7 -1.87 5.76 3.86
C SER B 7 -0.95 6.54 4.79
N SER B 8 -1.55 7.22 5.77
CA SER B 8 -0.78 8.00 6.73
C SER B 8 0.21 7.12 7.48
N SER B 9 -0.24 5.94 7.88
CA SER B 9 0.63 4.99 8.58
C SER B 9 1.61 4.34 7.62
N CYS B 10 1.15 4.07 6.39
CA CYS B 10 2.01 3.44 5.39
C CYS B 10 3.22 4.34 5.09
N CYS B 11 2.99 5.64 5.04
CA CYS B 11 4.05 6.58 4.77
C CYS B 11 4.85 6.86 6.03
N LYS B 12 4.14 7.05 7.14
CA LYS B 12 4.76 7.33 8.43
C LYS B 12 5.64 6.19 8.91
N TRP B 13 5.09 5.00 8.88
CA TRP B 13 5.81 3.83 9.34
C TRP B 13 6.00 2.81 8.23
N GLY B 14 4.89 2.42 7.61
CA GLY B 14 4.92 1.46 6.54
C GLY B 14 3.72 0.53 6.63
N CYS B 15 3.56 -0.34 5.64
CA CYS B 15 2.44 -1.27 5.62
C CYS B 15 2.85 -2.59 4.96
N SER B 16 2.27 -3.67 5.45
CA SER B 16 2.54 -5.00 4.93
C SER B 16 1.50 -5.37 3.87
N LYS B 17 1.76 -6.46 3.16
CA LYS B 17 0.86 -6.92 2.11
C LYS B 17 -0.54 -7.10 2.64
N SER B 18 -0.64 -7.60 3.86
CA SER B 18 -1.93 -7.83 4.48
C SER B 18 -2.76 -6.55 4.58
N GLU B 19 -2.15 -5.51 5.12
CA GLU B 19 -2.79 -4.21 5.28
C GLU B 19 -3.20 -3.63 3.94
N ILE B 20 -2.28 -3.70 2.98
CA ILE B 20 -2.52 -3.16 1.66
C ILE B 20 -3.54 -3.99 0.87
N SER B 21 -3.43 -5.30 0.94
CA SER B 21 -4.34 -6.19 0.22
C SER B 21 -5.75 -6.08 0.77
N SER B 22 -5.87 -5.57 2.00
CA SER B 22 -7.17 -5.39 2.62
C SER B 22 -7.99 -4.33 1.87
N LEU B 23 -7.33 -3.63 0.96
CA LEU B 23 -7.98 -2.60 0.17
C LEU B 23 -8.11 -3.02 -1.29
N CYS B 24 -8.12 -4.33 -1.52
CA CYS B 24 -8.25 -4.86 -2.87
C CYS B 24 -9.72 -5.17 -3.19
N ARG A 1 14.82 0.80 -2.94
CA ARG A 1 13.39 0.47 -3.02
C ARG A 1 13.18 -0.86 -3.73
N ALA A 2 12.10 -1.54 -3.39
CA ALA A 2 11.78 -2.83 -3.98
C ALA A 2 10.28 -3.07 -3.87
N ALA A 3 9.89 -4.33 -3.78
CA ALA A 3 8.49 -4.68 -3.65
C ALA A 3 7.91 -4.14 -2.35
N PRO A 4 6.76 -3.44 -2.43
CA PRO A 4 6.09 -2.84 -1.26
C PRO A 4 5.36 -3.89 -0.42
N TYR A 5 6.05 -4.96 -0.08
CA TYR A 5 5.48 -6.03 0.71
C TYR A 5 5.92 -5.96 2.17
N GLY A 6 5.81 -4.78 2.76
CA GLY A 6 6.21 -4.59 4.13
C GLY A 6 7.19 -3.45 4.28
N VAL A 7 6.80 -2.27 3.81
CA VAL A 7 7.65 -1.09 3.87
C VAL A 7 6.81 0.17 4.00
N ARG A 8 7.43 1.33 3.83
CA ARG A 8 6.74 2.59 3.92
C ARG A 8 6.18 2.96 2.56
N LEU A 9 4.91 3.31 2.55
CA LEU A 9 4.22 3.69 1.32
C LEU A 9 3.60 5.07 1.46
N CYS A 10 4.08 6.03 0.68
CA CYS A 10 3.57 7.40 0.75
C CYS A 10 2.76 7.75 -0.49
N GLY A 11 1.49 8.03 -0.28
CA GLY A 11 0.58 8.43 -1.36
C GLY A 11 0.67 7.57 -2.60
N ARG A 12 1.39 8.08 -3.60
CA ARG A 12 1.58 7.40 -4.88
C ARG A 12 2.13 5.98 -4.69
N GLU A 13 3.04 5.82 -3.73
CA GLU A 13 3.63 4.52 -3.47
C GLU A 13 2.59 3.60 -2.86
N PHE A 14 1.76 4.20 -2.02
CA PHE A 14 0.69 3.48 -1.36
C PHE A 14 -0.31 2.94 -2.36
N ILE A 15 -0.80 3.83 -3.21
CA ILE A 15 -1.77 3.46 -4.24
C ILE A 15 -1.22 2.38 -5.17
N ARG A 16 -0.01 2.58 -5.67
CA ARG A 16 0.57 1.59 -6.57
C ARG A 16 0.82 0.29 -5.83
N ALA A 17 1.16 0.40 -4.54
CA ALA A 17 1.40 -0.77 -3.71
C ALA A 17 0.11 -1.58 -3.61
N VAL A 18 -1.01 -0.88 -3.49
CA VAL A 18 -2.31 -1.53 -3.42
C VAL A 18 -2.52 -2.30 -4.71
N ILE A 19 -2.28 -1.62 -5.82
CA ILE A 19 -2.41 -2.24 -7.12
C ILE A 19 -1.54 -3.49 -7.20
N PHE A 20 -0.29 -3.31 -6.83
CA PHE A 20 0.71 -4.37 -6.85
C PHE A 20 0.33 -5.57 -5.99
N THR A 21 -0.13 -5.32 -4.78
CA THR A 21 -0.53 -6.40 -3.89
C THR A 21 -1.73 -7.15 -4.44
N CYS A 22 -2.65 -6.39 -5.01
CA CYS A 22 -3.87 -6.95 -5.60
C CYS A 22 -3.56 -7.81 -6.83
N GLY A 23 -2.44 -7.51 -7.49
CA GLY A 23 -2.08 -8.25 -8.68
C GLY A 23 -1.09 -7.51 -9.54
N GLY A 24 -1.03 -6.19 -9.35
CA GLY A 24 -0.13 -5.35 -10.11
C GLY A 24 -0.71 -4.98 -11.47
N SER A 25 -1.18 -5.97 -12.21
CA SER A 25 -1.76 -5.73 -13.50
C SER A 25 -3.28 -5.77 -13.42
N ARG A 26 -3.80 -5.40 -12.25
CA ARG A 26 -5.24 -5.37 -12.02
C ARG A 26 -5.79 -4.01 -12.41
N TRP A 27 -4.95 -3.02 -12.21
CA TRP A 27 -5.26 -1.62 -12.50
C TRP A 27 -3.99 -0.79 -12.36
N ASP B 1 -9.90 9.30 5.48
CA ASP B 1 -10.81 8.13 5.36
C ASP B 1 -10.05 6.87 5.71
N VAL B 2 -10.49 5.74 5.14
CA VAL B 2 -9.83 4.47 5.37
C VAL B 2 -8.48 4.44 4.66
N LEU B 3 -8.46 4.89 3.41
CA LEU B 3 -7.23 4.92 2.64
C LEU B 3 -6.29 5.97 3.18
N ALA B 4 -6.75 7.20 3.30
CA ALA B 4 -5.91 8.28 3.84
C ALA B 4 -5.45 7.89 5.24
N GLY B 5 -6.33 7.23 5.98
CA GLY B 5 -5.99 6.78 7.31
C GLY B 5 -4.84 5.79 7.30
N LEU B 6 -4.93 4.78 6.45
CA LEU B 6 -3.87 3.78 6.34
C LEU B 6 -2.66 4.40 5.68
N SER B 7 -2.91 5.23 4.67
CA SER B 7 -1.87 5.93 3.93
C SER B 7 -0.97 6.72 4.89
N SER B 8 -1.60 7.40 5.85
CA SER B 8 -0.89 8.19 6.84
C SER B 8 0.04 7.29 7.66
N SER B 9 -0.41 6.08 7.92
CA SER B 9 0.39 5.12 8.68
C SER B 9 1.43 4.45 7.79
N CYS B 10 1.07 4.17 6.55
CA CYS B 10 1.98 3.55 5.60
C CYS B 10 3.18 4.46 5.33
N CYS B 11 2.92 5.74 5.20
CA CYS B 11 3.99 6.70 4.93
C CYS B 11 4.78 6.99 6.21
N LYS B 12 4.06 7.11 7.32
CA LYS B 12 4.67 7.41 8.60
C LYS B 12 5.49 6.24 9.12
N TRP B 13 4.88 5.07 9.14
CA TRP B 13 5.52 3.88 9.63
C TRP B 13 5.74 2.86 8.52
N GLY B 14 4.65 2.47 7.87
CA GLY B 14 4.70 1.52 6.80
C GLY B 14 3.53 0.57 6.86
N CYS B 15 3.55 -0.46 6.02
CA CYS B 15 2.49 -1.44 5.98
C CYS B 15 2.92 -2.69 5.21
N SER B 16 2.36 -3.83 5.60
CA SER B 16 2.70 -5.11 5.01
C SER B 16 1.74 -5.45 3.88
N LYS B 17 2.09 -6.48 3.14
CA LYS B 17 1.29 -6.95 2.01
C LYS B 17 -0.14 -7.24 2.43
N SER B 18 -0.30 -7.73 3.65
CA SER B 18 -1.63 -8.04 4.18
C SER B 18 -2.49 -6.79 4.32
N GLU B 19 -1.93 -5.78 4.98
CA GLU B 19 -2.62 -4.51 5.20
C GLU B 19 -3.00 -3.89 3.87
N ILE B 20 -2.06 -3.91 2.94
CA ILE B 20 -2.31 -3.35 1.62
C ILE B 20 -3.34 -4.16 0.85
N SER B 21 -3.26 -5.49 0.94
CA SER B 21 -4.20 -6.36 0.26
C SER B 21 -5.61 -6.18 0.79
N SER B 22 -5.74 -5.59 1.97
CA SER B 22 -7.06 -5.37 2.57
C SER B 22 -7.86 -4.36 1.75
N LEU B 23 -7.18 -3.67 0.85
CA LEU B 23 -7.82 -2.67 -0.01
C LEU B 23 -8.21 -3.27 -1.36
N CYS B 24 -7.83 -4.52 -1.56
CA CYS B 24 -8.10 -5.22 -2.81
C CYS B 24 -9.57 -5.64 -2.93
N ARG A 1 15.41 -0.88 -3.13
CA ARG A 1 13.94 -1.03 -2.91
C ARG A 1 13.43 -2.24 -3.66
N ALA A 2 12.48 -2.95 -3.07
CA ALA A 2 11.90 -4.13 -3.69
C ALA A 2 10.39 -4.00 -3.72
N ALA A 3 9.69 -5.14 -3.68
CA ALA A 3 8.24 -5.14 -3.69
C ALA A 3 7.69 -4.52 -2.41
N PRO A 4 6.68 -3.63 -2.54
CA PRO A 4 6.07 -2.94 -1.40
C PRO A 4 5.14 -3.85 -0.60
N TYR A 5 5.65 -5.01 -0.22
CA TYR A 5 4.88 -5.99 0.54
C TYR A 5 5.18 -5.91 2.04
N GLY A 6 5.75 -4.79 2.44
CA GLY A 6 6.09 -4.58 3.84
C GLY A 6 7.09 -3.46 4.00
N VAL A 7 6.72 -2.27 3.56
CA VAL A 7 7.60 -1.11 3.64
C VAL A 7 6.79 0.17 3.80
N ARG A 8 7.46 1.31 3.68
CA ARG A 8 6.79 2.60 3.80
C ARG A 8 6.23 3.00 2.45
N LEU A 9 4.95 3.34 2.45
CA LEU A 9 4.26 3.77 1.23
C LEU A 9 3.65 5.15 1.41
N CYS A 10 4.14 6.12 0.67
CA CYS A 10 3.64 7.49 0.76
C CYS A 10 2.83 7.88 -0.47
N GLY A 11 1.56 8.22 -0.26
CA GLY A 11 0.68 8.67 -1.34
C GLY A 11 0.68 7.75 -2.56
N ARG A 12 1.35 8.20 -3.61
CA ARG A 12 1.44 7.47 -4.87
C ARG A 12 2.01 6.07 -4.66
N GLU A 13 2.90 5.92 -3.68
CA GLU A 13 3.50 4.63 -3.40
C GLU A 13 2.44 3.72 -2.79
N PHE A 14 1.62 4.32 -1.94
CA PHE A 14 0.53 3.62 -1.29
C PHE A 14 -0.41 3.03 -2.32
N ILE A 15 -0.89 3.88 -3.21
CA ILE A 15 -1.82 3.47 -4.26
C ILE A 15 -1.23 2.38 -5.14
N ARG A 16 -0.03 2.60 -5.67
CA ARG A 16 0.59 1.59 -6.52
C ARG A 16 0.87 0.31 -5.73
N ALA A 17 1.16 0.47 -4.43
CA ALA A 17 1.40 -0.68 -3.57
C ALA A 17 0.13 -1.51 -3.45
N VAL A 18 -1.00 -0.81 -3.38
CA VAL A 18 -2.29 -1.48 -3.30
C VAL A 18 -2.46 -2.34 -4.53
N ILE A 19 -2.22 -1.72 -5.66
CA ILE A 19 -2.31 -2.41 -6.93
C ILE A 19 -1.39 -3.61 -6.93
N PHE A 20 -0.12 -3.34 -6.63
CA PHE A 20 0.93 -4.36 -6.60
C PHE A 20 0.62 -5.52 -5.68
N THR A 21 0.15 -5.23 -4.48
CA THR A 21 -0.16 -6.28 -3.53
C THR A 21 -1.30 -7.15 -4.02
N CYS A 22 -2.29 -6.50 -4.60
CA CYS A 22 -3.48 -7.17 -5.11
C CYS A 22 -3.22 -7.94 -6.41
N GLY A 23 -2.12 -7.62 -7.10
CA GLY A 23 -1.81 -8.29 -8.35
C GLY A 23 -0.84 -7.53 -9.22
N GLY A 24 -0.75 -6.23 -8.98
CA GLY A 24 0.13 -5.37 -9.75
C GLY A 24 -0.49 -4.91 -11.04
N SER A 25 -1.01 -5.86 -11.81
CA SER A 25 -1.66 -5.54 -13.07
C SER A 25 -3.17 -5.64 -12.92
N ARG A 26 -3.66 -5.21 -11.76
CA ARG A 26 -5.08 -5.24 -11.47
C ARG A 26 -5.75 -3.97 -11.98
N TRP A 27 -5.03 -2.88 -11.81
CA TRP A 27 -5.47 -1.54 -12.20
C TRP A 27 -4.34 -0.53 -11.97
N ASP B 1 -11.02 8.83 6.53
CA ASP B 1 -11.44 7.84 5.52
C ASP B 1 -10.76 6.50 5.79
N VAL B 2 -10.51 5.76 4.73
CA VAL B 2 -9.83 4.47 4.83
C VAL B 2 -8.45 4.56 4.20
N LEU B 3 -8.35 5.19 3.03
CA LEU B 3 -7.09 5.32 2.32
C LEU B 3 -6.12 6.24 3.05
N ALA B 4 -6.51 7.49 3.29
CA ALA B 4 -5.63 8.44 3.98
C ALA B 4 -5.28 7.88 5.35
N GLY B 5 -6.23 7.16 5.95
CA GLY B 5 -6.01 6.55 7.24
C GLY B 5 -4.84 5.58 7.21
N LEU B 6 -4.78 4.75 6.16
CA LEU B 6 -3.70 3.79 6.02
C LEU B 6 -2.49 4.48 5.42
N SER B 7 -2.73 5.31 4.41
CA SER B 7 -1.70 6.04 3.70
C SER B 7 -0.77 6.78 4.68
N SER B 8 -1.36 7.43 5.67
CA SER B 8 -0.58 8.16 6.66
C SER B 8 0.32 7.20 7.43
N SER B 9 -0.24 6.09 7.88
CA SER B 9 0.52 5.08 8.63
C SER B 9 1.53 4.37 7.72
N CYS B 10 1.15 4.10 6.49
CA CYS B 10 2.03 3.44 5.53
C CYS B 10 3.25 4.31 5.27
N CYS B 11 3.04 5.63 5.19
CA CYS B 11 4.13 6.55 4.93
C CYS B 11 4.91 6.81 6.21
N LYS B 12 4.19 7.02 7.30
CA LYS B 12 4.78 7.29 8.61
C LYS B 12 5.60 6.11 9.11
N TRP B 13 5.01 4.93 9.06
CA TRP B 13 5.68 3.74 9.54
C TRP B 13 5.89 2.73 8.41
N GLY B 14 4.79 2.33 7.78
CA GLY B 14 4.84 1.38 6.71
C GLY B 14 3.65 0.44 6.76
N CYS B 15 3.52 -0.41 5.75
CA CYS B 15 2.41 -1.35 5.69
C CYS B 15 2.84 -2.64 4.99
N SER B 16 2.26 -3.76 5.42
CA SER B 16 2.57 -5.06 4.86
C SER B 16 1.58 -5.42 3.77
N LYS B 17 1.94 -6.41 2.96
CA LYS B 17 1.09 -6.85 1.86
C LYS B 17 -0.31 -7.17 2.33
N SER B 18 -0.41 -7.75 3.50
CA SER B 18 -1.70 -8.13 4.06
C SER B 18 -2.61 -6.90 4.21
N GLU B 19 -2.09 -5.88 4.88
CA GLU B 19 -2.81 -4.65 5.12
C GLU B 19 -3.21 -3.98 3.81
N ILE B 20 -2.26 -3.94 2.88
CA ILE B 20 -2.47 -3.30 1.60
C ILE B 20 -3.43 -4.09 0.70
N SER B 21 -3.25 -5.40 0.64
CA SER B 21 -4.10 -6.25 -0.19
C SER B 21 -5.56 -6.22 0.28
N SER B 22 -5.75 -5.91 1.57
CA SER B 22 -7.10 -5.84 2.13
C SER B 22 -7.93 -4.72 1.52
N LEU B 23 -7.30 -3.88 0.71
CA LEU B 23 -8.00 -2.78 0.06
C LEU B 23 -8.76 -3.25 -1.19
N CYS B 24 -8.35 -4.38 -1.76
CA CYS B 24 -9.00 -4.90 -2.94
C CYS B 24 -9.96 -6.05 -2.63
N ARG A 1 7.66 2.63 -6.22
CA ARG A 1 8.96 2.05 -5.82
C ARG A 1 9.01 0.58 -6.20
N ALA A 2 9.83 -0.19 -5.49
CA ALA A 2 9.94 -1.62 -5.75
C ALA A 2 8.81 -2.38 -5.07
N ALA A 3 9.10 -3.59 -4.60
CA ALA A 3 8.10 -4.41 -3.92
C ALA A 3 7.71 -3.78 -2.58
N PRO A 4 6.44 -3.38 -2.45
CA PRO A 4 5.92 -2.78 -1.23
C PRO A 4 5.35 -3.82 -0.27
N TYR A 5 6.08 -4.90 -0.10
CA TYR A 5 5.66 -5.99 0.76
C TYR A 5 6.23 -5.84 2.17
N GLY A 6 5.77 -4.82 2.88
CA GLY A 6 6.24 -4.59 4.24
C GLY A 6 7.26 -3.47 4.29
N VAL A 7 6.88 -2.31 3.76
CA VAL A 7 7.76 -1.15 3.75
C VAL A 7 6.97 0.13 3.94
N ARG A 8 7.61 1.27 3.70
CA ARG A 8 6.97 2.56 3.83
C ARG A 8 6.32 2.94 2.50
N LEU A 9 5.08 3.34 2.57
CA LEU A 9 4.32 3.75 1.39
C LEU A 9 3.72 5.14 1.59
N CYS A 10 4.21 6.11 0.84
CA CYS A 10 3.71 7.48 0.96
C CYS A 10 2.90 7.89 -0.26
N GLY A 11 1.64 8.23 -0.03
CA GLY A 11 0.74 8.68 -1.09
C GLY A 11 0.73 7.80 -2.33
N ARG A 12 1.37 8.29 -3.38
CA ARG A 12 1.45 7.58 -4.67
C ARG A 12 2.05 6.19 -4.51
N GLU A 13 2.98 6.04 -3.57
CA GLU A 13 3.62 4.76 -3.33
C GLU A 13 2.60 3.81 -2.75
N PHE A 14 1.78 4.34 -1.87
CA PHE A 14 0.72 3.59 -1.23
C PHE A 14 -0.26 3.07 -2.26
N ILE A 15 -0.77 3.98 -3.08
CA ILE A 15 -1.74 3.64 -4.11
C ILE A 15 -1.23 2.57 -5.05
N ARG A 16 -0.03 2.75 -5.59
CA ARG A 16 0.50 1.74 -6.50
C ARG A 16 0.77 0.45 -5.74
N ALA A 17 1.14 0.59 -4.46
CA ALA A 17 1.38 -0.57 -3.61
C ALA A 17 0.12 -1.38 -3.46
N VAL A 18 -1.00 -0.68 -3.32
CA VAL A 18 -2.31 -1.33 -3.19
C VAL A 18 -2.55 -2.15 -4.43
N ILE A 19 -2.37 -1.51 -5.56
CA ILE A 19 -2.55 -2.17 -6.84
C ILE A 19 -1.65 -3.38 -6.93
N PHE A 20 -0.37 -3.15 -6.69
CA PHE A 20 0.67 -4.17 -6.75
C PHE A 20 0.40 -5.36 -5.85
N THR A 21 0.05 -5.10 -4.60
CA THR A 21 -0.21 -6.17 -3.66
C THR A 21 -1.42 -7.01 -4.06
N CYS A 22 -2.43 -6.33 -4.55
CA CYS A 22 -3.68 -6.99 -4.96
C CYS A 22 -3.56 -7.68 -6.32
N GLY A 23 -2.51 -7.38 -7.08
CA GLY A 23 -2.36 -8.00 -8.39
C GLY A 23 -1.38 -7.29 -9.28
N GLY A 24 -1.26 -5.99 -9.10
CA GLY A 24 -0.37 -5.17 -9.91
C GLY A 24 -0.98 -4.79 -11.23
N SER A 25 -1.55 -5.75 -11.93
CA SER A 25 -2.18 -5.50 -13.21
C SER A 25 -3.70 -5.57 -13.07
N ARG A 26 -4.18 -5.29 -11.85
CA ARG A 26 -5.61 -5.31 -11.56
C ARG A 26 -6.21 -3.97 -11.93
N TRP A 27 -5.39 -2.95 -11.75
CA TRP A 27 -5.73 -1.56 -12.03
C TRP A 27 -4.47 -0.70 -11.93
N ASP B 1 -11.03 8.93 5.26
CA ASP B 1 -11.39 7.81 4.37
C ASP B 1 -10.73 6.53 4.86
N VAL B 2 -10.42 5.65 3.92
CA VAL B 2 -9.75 4.40 4.24
C VAL B 2 -8.32 4.41 3.69
N LEU B 3 -8.17 4.90 2.46
CA LEU B 3 -6.86 4.95 1.82
C LEU B 3 -5.93 5.95 2.47
N ALA B 4 -6.34 7.22 2.54
CA ALA B 4 -5.50 8.24 3.17
C ALA B 4 -5.22 7.84 4.61
N GLY B 5 -6.19 7.18 5.23
CA GLY B 5 -6.02 6.69 6.59
C GLY B 5 -4.87 5.71 6.69
N LEU B 6 -4.85 4.72 5.79
CA LEU B 6 -3.77 3.74 5.78
C LEU B 6 -2.51 4.38 5.25
N SER B 7 -2.67 5.21 4.23
CA SER B 7 -1.58 5.94 3.59
C SER B 7 -0.75 6.69 4.62
N SER B 8 -1.42 7.35 5.55
CA SER B 8 -0.75 8.09 6.61
C SER B 8 0.12 7.15 7.45
N SER B 9 -0.44 6.00 7.81
CA SER B 9 0.29 5.01 8.59
C SER B 9 1.39 4.35 7.76
N CYS B 10 1.10 4.10 6.49
CA CYS B 10 2.08 3.48 5.59
C CYS B 10 3.29 4.38 5.41
N CYS B 11 3.06 5.69 5.34
CA CYS B 11 4.14 6.63 5.17
C CYS B 11 4.85 6.87 6.49
N LYS B 12 4.08 6.92 7.57
CA LYS B 12 4.61 7.15 8.91
C LYS B 12 5.35 5.93 9.46
N TRP B 13 4.70 4.79 9.41
CA TRP B 13 5.26 3.57 9.94
C TRP B 13 5.54 2.54 8.85
N GLY B 14 4.60 2.40 7.92
CA GLY B 14 4.74 1.45 6.84
C GLY B 14 3.60 0.45 6.86
N CYS B 15 3.62 -0.50 5.93
CA CYS B 15 2.56 -1.51 5.87
C CYS B 15 3.01 -2.72 5.06
N SER B 16 2.48 -3.88 5.40
CA SER B 16 2.82 -5.13 4.73
C SER B 16 1.80 -5.47 3.66
N LYS B 17 2.15 -6.42 2.82
CA LYS B 17 1.28 -6.86 1.73
C LYS B 17 -0.09 -7.25 2.25
N SER B 18 -0.11 -7.87 3.41
CA SER B 18 -1.37 -8.31 4.02
C SER B 18 -2.32 -7.13 4.25
N GLU B 19 -1.79 -6.09 4.88
CA GLU B 19 -2.57 -4.88 5.17
C GLU B 19 -3.03 -4.20 3.90
N ILE B 20 -2.12 -4.08 2.95
CA ILE B 20 -2.41 -3.42 1.68
C ILE B 20 -3.34 -4.24 0.78
N SER B 21 -3.12 -5.55 0.71
CA SER B 21 -3.95 -6.40 -0.13
C SER B 21 -5.39 -6.43 0.36
N SER B 22 -5.56 -6.38 1.68
CA SER B 22 -6.90 -6.40 2.28
C SER B 22 -7.66 -5.10 2.01
N LEU B 23 -7.06 -4.21 1.22
CA LEU B 23 -7.68 -2.95 0.88
C LEU B 23 -8.51 -3.08 -0.40
N CYS B 24 -8.19 -4.09 -1.20
CA CYS B 24 -8.90 -4.32 -2.46
C CYS B 24 -10.01 -5.36 -2.31
N ARG A 1 8.45 2.44 -6.21
CA ARG A 1 9.30 1.26 -5.90
C ARG A 1 8.48 -0.02 -5.97
N ALA A 2 9.02 -1.03 -6.63
CA ALA A 2 8.34 -2.31 -6.79
C ALA A 2 8.63 -3.27 -5.64
N ALA A 3 8.35 -2.84 -4.42
CA ALA A 3 8.59 -3.66 -3.25
C ALA A 3 7.81 -3.18 -2.03
N PRO A 4 6.47 -3.05 -2.15
CA PRO A 4 5.62 -2.58 -1.04
C PRO A 4 5.19 -3.72 -0.12
N TYR A 5 6.09 -4.66 0.13
CA TYR A 5 5.79 -5.80 0.98
C TYR A 5 6.39 -5.61 2.37
N GLY A 6 5.83 -4.69 3.13
CA GLY A 6 6.31 -4.43 4.47
C GLY A 6 7.26 -3.26 4.50
N VAL A 7 6.88 -2.17 3.85
CA VAL A 7 7.71 -0.98 3.79
C VAL A 7 6.83 0.27 3.86
N ARG A 8 7.44 1.43 3.76
CA ARG A 8 6.72 2.69 3.80
C ARG A 8 6.17 3.02 2.44
N LEU A 9 4.89 3.32 2.40
CA LEU A 9 4.19 3.68 1.16
C LEU A 9 3.54 5.06 1.31
N CYS A 10 3.95 6.01 0.50
CA CYS A 10 3.40 7.36 0.57
C CYS A 10 2.69 7.74 -0.72
N GLY A 11 1.40 8.04 -0.60
CA GLY A 11 0.59 8.46 -1.75
C GLY A 11 0.73 7.59 -2.98
N ARG A 12 1.56 8.05 -3.91
CA ARG A 12 1.81 7.36 -5.18
C ARG A 12 2.22 5.91 -4.97
N GLU A 13 3.12 5.70 -4.01
CA GLU A 13 3.61 4.38 -3.71
C GLU A 13 2.54 3.57 -3.02
N PHE A 14 1.71 4.26 -2.27
CA PHE A 14 0.61 3.66 -1.56
C PHE A 14 -0.40 3.08 -2.54
N ILE A 15 -0.81 3.92 -3.47
CA ILE A 15 -1.78 3.52 -4.49
C ILE A 15 -1.22 2.39 -5.35
N ARG A 16 0.00 2.54 -5.84
CA ARG A 16 0.61 1.49 -6.63
C ARG A 16 0.80 0.23 -5.81
N ALA A 17 1.02 0.39 -4.51
CA ALA A 17 1.18 -0.74 -3.61
C ALA A 17 -0.11 -1.53 -3.54
N VAL A 18 -1.23 -0.80 -3.45
CA VAL A 18 -2.53 -1.44 -3.41
C VAL A 18 -2.70 -2.27 -4.66
N ILE A 19 -2.44 -1.62 -5.78
CA ILE A 19 -2.52 -2.25 -7.08
C ILE A 19 -1.66 -3.52 -7.09
N PHE A 20 -0.43 -3.35 -6.67
CA PHE A 20 0.55 -4.43 -6.62
C PHE A 20 0.11 -5.59 -5.74
N THR A 21 -0.41 -5.29 -4.56
CA THR A 21 -0.85 -6.31 -3.64
C THR A 21 -2.00 -7.14 -4.23
N CYS A 22 -2.92 -6.45 -4.90
CA CYS A 22 -4.06 -7.10 -5.52
C CYS A 22 -3.62 -7.96 -6.71
N GLY A 23 -2.56 -7.54 -7.38
CA GLY A 23 -2.06 -8.29 -8.52
C GLY A 23 -1.01 -7.52 -9.31
N GLY A 24 -1.01 -6.20 -9.16
CA GLY A 24 -0.06 -5.35 -9.86
C GLY A 24 -0.51 -5.02 -11.25
N SER A 25 -0.66 -6.03 -12.09
CA SER A 25 -1.13 -5.83 -13.45
C SER A 25 -2.65 -5.95 -13.50
N ARG A 26 -3.30 -5.25 -12.57
CA ARG A 26 -4.75 -5.27 -12.49
C ARG A 26 -5.34 -3.92 -12.84
N TRP A 27 -4.63 -2.90 -12.43
CA TRP A 27 -5.05 -1.52 -12.65
C TRP A 27 -3.90 -0.56 -12.33
N ASP B 1 -9.84 9.54 5.66
CA ASP B 1 -10.79 8.43 5.50
C ASP B 1 -10.11 7.11 5.83
N VAL B 2 -10.59 6.04 5.22
CA VAL B 2 -10.01 4.72 5.43
C VAL B 2 -8.65 4.64 4.73
N LEU B 3 -8.59 5.14 3.50
CA LEU B 3 -7.35 5.13 2.73
C LEU B 3 -6.35 6.11 3.32
N ALA B 4 -6.75 7.37 3.46
CA ALA B 4 -5.86 8.38 4.05
C ALA B 4 -5.44 7.94 5.45
N GLY B 5 -6.37 7.31 6.15
CA GLY B 5 -6.09 6.81 7.48
C GLY B 5 -5.00 5.76 7.47
N LEU B 6 -5.13 4.77 6.58
CA LEU B 6 -4.12 3.72 6.47
C LEU B 6 -2.86 4.30 5.85
N SER B 7 -3.04 5.16 4.86
CA SER B 7 -1.95 5.81 4.16
C SER B 7 -1.06 6.56 5.15
N SER B 8 -1.67 7.16 6.17
CA SER B 8 -0.93 7.88 7.18
C SER B 8 0.05 6.94 7.87
N SER B 9 -0.40 5.74 8.17
CA SER B 9 0.43 4.74 8.82
C SER B 9 1.42 4.13 7.83
N CYS B 10 0.95 3.83 6.63
CA CYS B 10 1.78 3.24 5.59
C CYS B 10 2.95 4.16 5.23
N CYS B 11 2.70 5.45 5.17
CA CYS B 11 3.74 6.41 4.83
C CYS B 11 4.62 6.73 6.04
N LYS B 12 3.98 6.84 7.20
CA LYS B 12 4.68 7.16 8.44
C LYS B 12 5.59 6.02 8.88
N TRP B 13 4.96 4.88 9.14
CA TRP B 13 5.68 3.71 9.59
C TRP B 13 5.90 2.72 8.45
N GLY B 14 4.81 2.35 7.80
CA GLY B 14 4.86 1.42 6.69
C GLY B 14 3.73 0.43 6.76
N CYS B 15 3.60 -0.41 5.74
CA CYS B 15 2.54 -1.41 5.70
C CYS B 15 3.01 -2.65 4.94
N SER B 16 2.51 -3.80 5.37
CA SER B 16 2.85 -5.07 4.76
C SER B 16 1.84 -5.40 3.67
N LYS B 17 2.12 -6.42 2.88
CA LYS B 17 1.23 -6.82 1.81
C LYS B 17 -0.15 -7.10 2.34
N SER B 18 -0.21 -7.68 3.52
CA SER B 18 -1.48 -8.02 4.14
C SER B 18 -2.36 -6.78 4.35
N GLU B 19 -1.79 -5.77 4.97
CA GLU B 19 -2.49 -4.52 5.23
C GLU B 19 -2.95 -3.87 3.94
N ILE B 20 -2.06 -3.85 2.97
CA ILE B 20 -2.36 -3.25 1.68
C ILE B 20 -3.37 -4.08 0.88
N SER B 21 -3.23 -5.40 0.93
CA SER B 21 -4.14 -6.29 0.20
C SER B 21 -5.55 -6.19 0.76
N SER B 22 -5.66 -5.69 1.99
CA SER B 22 -6.96 -5.53 2.63
C SER B 22 -7.78 -4.44 1.93
N LEU B 23 -7.13 -3.74 1.00
CA LEU B 23 -7.79 -2.69 0.24
C LEU B 23 -8.11 -3.13 -1.18
N CYS B 24 -8.15 -4.44 -1.39
CA CYS B 24 -8.46 -4.99 -2.71
C CYS B 24 -9.93 -5.39 -2.78
N ARG A 1 14.19 -3.13 -0.24
CA ARG A 1 13.83 -4.05 -1.36
C ARG A 1 12.88 -3.35 -2.31
N ALA A 2 13.02 -3.62 -3.60
CA ALA A 2 12.18 -3.01 -4.63
C ALA A 2 10.81 -3.69 -4.69
N ALA A 3 10.08 -3.62 -3.59
CA ALA A 3 8.75 -4.21 -3.50
C ALA A 3 8.00 -3.64 -2.32
N PRO A 4 6.78 -3.13 -2.55
CA PRO A 4 5.94 -2.54 -1.50
C PRO A 4 5.30 -3.58 -0.59
N TYR A 5 6.11 -4.54 -0.17
CA TYR A 5 5.64 -5.62 0.70
C TYR A 5 6.26 -5.48 2.08
N GLY A 6 5.56 -4.76 2.95
CA GLY A 6 6.05 -4.55 4.30
C GLY A 6 7.08 -3.46 4.36
N VAL A 7 6.73 -2.30 3.81
CA VAL A 7 7.63 -1.15 3.80
C VAL A 7 6.83 0.14 3.96
N ARG A 8 7.49 1.27 3.79
CA ARG A 8 6.81 2.56 3.91
C ARG A 8 6.27 2.98 2.56
N LEU A 9 4.98 3.24 2.52
CA LEU A 9 4.30 3.66 1.29
C LEU A 9 3.77 5.08 1.45
N CYS A 10 4.30 6.01 0.68
CA CYS A 10 3.86 7.39 0.76
C CYS A 10 3.05 7.81 -0.46
N GLY A 11 1.79 8.18 -0.22
CA GLY A 11 0.90 8.64 -1.27
C GLY A 11 0.86 7.74 -2.49
N ARG A 12 1.56 8.17 -3.55
CA ARG A 12 1.61 7.44 -4.81
C ARG A 12 2.14 6.02 -4.60
N GLU A 13 3.04 5.85 -3.62
CA GLU A 13 3.60 4.54 -3.36
C GLU A 13 2.52 3.66 -2.74
N PHE A 14 1.72 4.28 -1.89
CA PHE A 14 0.61 3.61 -1.23
C PHE A 14 -0.36 3.05 -2.25
N ILE A 15 -0.84 3.93 -3.11
CA ILE A 15 -1.80 3.56 -4.14
C ILE A 15 -1.27 2.47 -5.06
N ARG A 16 -0.05 2.65 -5.57
CA ARG A 16 0.53 1.65 -6.46
C ARG A 16 0.76 0.35 -5.71
N ALA A 17 1.08 0.46 -4.42
CA ALA A 17 1.29 -0.71 -3.58
C ALA A 17 0.01 -1.52 -3.49
N VAL A 18 -1.11 -0.80 -3.36
CA VAL A 18 -2.41 -1.45 -3.32
C VAL A 18 -2.62 -2.22 -4.59
N ILE A 19 -2.37 -1.54 -5.70
CA ILE A 19 -2.51 -2.16 -7.01
C ILE A 19 -1.64 -3.40 -7.09
N PHE A 20 -0.37 -3.23 -6.72
CA PHE A 20 0.62 -4.28 -6.75
C PHE A 20 0.24 -5.48 -5.90
N THR A 21 -0.20 -5.23 -4.69
CA THR A 21 -0.59 -6.32 -3.79
C THR A 21 -1.80 -7.07 -4.34
N CYS A 22 -2.73 -6.32 -4.90
CA CYS A 22 -3.94 -6.88 -5.48
C CYS A 22 -3.64 -7.70 -6.73
N GLY A 23 -2.53 -7.40 -7.39
CA GLY A 23 -2.18 -8.13 -8.60
C GLY A 23 -1.16 -7.38 -9.44
N GLY A 24 -1.09 -6.08 -9.24
CA GLY A 24 -0.17 -5.24 -9.99
C GLY A 24 -0.70 -4.86 -11.35
N SER A 25 -1.14 -5.86 -12.10
CA SER A 25 -1.70 -5.62 -13.42
C SER A 25 -3.22 -5.68 -13.37
N ARG A 26 -3.76 -5.35 -12.20
CA ARG A 26 -5.20 -5.35 -11.99
C ARG A 26 -5.77 -3.99 -12.36
N TRP A 27 -4.94 -2.99 -12.12
CA TRP A 27 -5.27 -1.59 -12.39
C TRP A 27 -4.00 -0.74 -12.25
N ASP B 1 -11.02 8.72 6.41
CA ASP B 1 -11.45 7.68 5.45
C ASP B 1 -10.73 6.37 5.78
N VAL B 2 -10.49 5.57 4.75
CA VAL B 2 -9.79 4.32 4.91
C VAL B 2 -8.42 4.39 4.23
N LEU B 3 -8.39 4.98 3.03
CA LEU B 3 -7.15 5.09 2.27
C LEU B 3 -6.17 6.06 2.90
N ALA B 4 -6.58 7.30 3.13
CA ALA B 4 -5.69 8.28 3.75
C ALA B 4 -5.29 7.80 5.14
N GLY B 5 -6.22 7.09 5.78
CA GLY B 5 -5.95 6.54 7.09
C GLY B 5 -4.79 5.57 7.06
N LEU B 6 -4.75 4.73 6.04
CA LEU B 6 -3.65 3.78 5.89
C LEU B 6 -2.44 4.48 5.29
N SER B 7 -2.71 5.29 4.28
CA SER B 7 -1.67 6.04 3.57
C SER B 7 -0.76 6.78 4.53
N SER B 8 -1.34 7.48 5.50
CA SER B 8 -0.57 8.21 6.49
C SER B 8 0.31 7.26 7.30
N SER B 9 -0.28 6.16 7.76
CA SER B 9 0.45 5.16 8.54
C SER B 9 1.49 4.44 7.70
N CYS B 10 1.15 4.17 6.44
CA CYS B 10 2.08 3.49 5.53
C CYS B 10 3.32 4.35 5.30
N CYS B 11 3.12 5.66 5.19
CA CYS B 11 4.24 6.58 4.98
C CYS B 11 4.95 6.85 6.30
N LYS B 12 4.18 7.07 7.33
CA LYS B 12 4.68 7.36 8.68
C LYS B 12 5.50 6.20 9.22
N TRP B 13 4.93 5.01 9.14
CA TRP B 13 5.57 3.82 9.65
C TRP B 13 5.82 2.79 8.55
N GLY B 14 4.73 2.39 7.89
CA GLY B 14 4.81 1.41 6.84
C GLY B 14 3.62 0.48 6.87
N CYS B 15 3.49 -0.36 5.86
CA CYS B 15 2.38 -1.30 5.78
C CYS B 15 2.82 -2.60 5.13
N SER B 16 2.24 -3.70 5.58
CA SER B 16 2.58 -5.01 5.06
C SER B 16 1.64 -5.40 3.93
N LYS B 17 2.03 -6.41 3.17
CA LYS B 17 1.25 -6.90 2.05
C LYS B 17 -0.17 -7.24 2.48
N SER B 18 -0.31 -7.75 3.70
CA SER B 18 -1.60 -8.11 4.24
C SER B 18 -2.52 -6.89 4.38
N GLU B 19 -2.02 -5.86 5.04
CA GLU B 19 -2.77 -4.63 5.26
C GLU B 19 -3.16 -4.00 3.93
N ILE B 20 -2.21 -3.98 3.00
CA ILE B 20 -2.46 -3.40 1.70
C ILE B 20 -3.45 -4.26 0.90
N SER B 21 -3.33 -5.58 1.01
CA SER B 21 -4.23 -6.48 0.29
C SER B 21 -5.65 -6.37 0.82
N SER B 22 -5.80 -5.80 2.01
CA SER B 22 -7.11 -5.63 2.61
C SER B 22 -7.94 -4.62 1.82
N LEU B 23 -7.27 -3.94 0.89
CA LEU B 23 -7.91 -2.94 0.04
C LEU B 23 -8.10 -3.48 -1.37
N CYS B 24 -8.15 -4.80 -1.50
CA CYS B 24 -8.33 -5.43 -2.79
C CYS B 24 -9.76 -5.87 -3.01
N ARG A 1 9.37 -4.65 -11.96
CA ARG A 1 8.38 -4.54 -10.86
C ARG A 1 9.05 -4.86 -9.54
N ALA A 2 8.75 -4.07 -8.52
CA ALA A 2 9.32 -4.29 -7.19
C ALA A 2 8.34 -5.09 -6.34
N ALA A 3 8.44 -4.92 -5.03
CA ALA A 3 7.55 -5.63 -4.10
C ALA A 3 7.53 -4.95 -2.73
N PRO A 4 6.91 -3.76 -2.64
CA PRO A 4 6.80 -3.01 -1.38
C PRO A 4 5.73 -3.61 -0.46
N TYR A 5 5.80 -4.92 -0.29
CA TYR A 5 4.84 -5.66 0.53
C TYR A 5 5.22 -5.66 2.01
N GLY A 6 5.80 -4.57 2.47
CA GLY A 6 6.18 -4.46 3.87
C GLY A 6 7.18 -3.35 4.09
N VAL A 7 6.82 -2.15 3.64
CA VAL A 7 7.70 -0.99 3.77
C VAL A 7 6.87 0.29 3.89
N ARG A 8 7.52 1.43 3.77
CA ARG A 8 6.83 2.70 3.84
C ARG A 8 6.27 3.09 2.48
N LEU A 9 4.99 3.36 2.45
CA LEU A 9 4.31 3.77 1.22
C LEU A 9 3.71 5.16 1.39
N CYS A 10 4.15 6.11 0.57
CA CYS A 10 3.65 7.47 0.67
C CYS A 10 2.84 7.87 -0.57
N GLY A 11 1.53 8.03 -0.37
CA GLY A 11 0.64 8.45 -1.43
C GLY A 11 0.71 7.60 -2.70
N ARG A 12 1.53 8.06 -3.64
CA ARG A 12 1.70 7.38 -4.92
C ARG A 12 2.14 5.92 -4.72
N GLU A 13 3.05 5.74 -3.78
CA GLU A 13 3.59 4.44 -3.46
C GLU A 13 2.51 3.60 -2.82
N PHE A 14 1.67 4.26 -2.05
CA PHE A 14 0.55 3.62 -1.38
C PHE A 14 -0.41 3.05 -2.40
N ILE A 15 -0.82 3.89 -3.34
CA ILE A 15 -1.74 3.48 -4.40
C ILE A 15 -1.16 2.34 -5.22
N ARG A 16 0.09 2.50 -5.66
CA ARG A 16 0.74 1.45 -6.44
C ARG A 16 0.85 0.16 -5.64
N ALA A 17 1.07 0.30 -4.32
CA ALA A 17 1.17 -0.85 -3.44
C ALA A 17 -0.16 -1.59 -3.41
N VAL A 18 -1.26 -0.83 -3.36
CA VAL A 18 -2.60 -1.42 -3.36
C VAL A 18 -2.76 -2.25 -4.62
N ILE A 19 -2.39 -1.63 -5.72
CA ILE A 19 -2.46 -2.28 -7.01
C ILE A 19 -1.65 -3.56 -6.98
N PHE A 20 -0.42 -3.43 -6.51
CA PHE A 20 0.53 -4.53 -6.40
C PHE A 20 -0.01 -5.67 -5.55
N THR A 21 -0.61 -5.35 -4.42
CA THR A 21 -1.13 -6.38 -3.55
C THR A 21 -2.29 -7.13 -4.20
N CYS A 22 -3.15 -6.39 -4.88
CA CYS A 22 -4.29 -6.99 -5.56
C CYS A 22 -3.83 -7.86 -6.72
N GLY A 23 -2.72 -7.46 -7.35
CA GLY A 23 -2.19 -8.21 -8.48
C GLY A 23 -1.00 -7.52 -9.12
N GLY A 24 -0.99 -6.19 -9.04
CA GLY A 24 0.09 -5.40 -9.61
C GLY A 24 -0.22 -4.99 -11.03
N SER A 25 -0.55 -5.96 -11.87
CA SER A 25 -0.87 -5.68 -13.24
C SER A 25 -2.39 -5.74 -13.42
N ARG A 26 -3.09 -5.10 -12.49
CA ARG A 26 -4.55 -5.09 -12.50
C ARG A 26 -5.07 -3.72 -12.89
N TRP A 27 -4.39 -2.71 -12.40
CA TRP A 27 -4.76 -1.32 -12.62
C TRP A 27 -3.61 -0.40 -12.22
N ASP B 1 -11.06 8.36 6.79
CA ASP B 1 -11.48 7.30 5.85
C ASP B 1 -10.68 6.04 6.12
N VAL B 2 -10.44 5.26 5.08
CA VAL B 2 -9.68 4.03 5.18
C VAL B 2 -8.35 4.18 4.44
N LEU B 3 -8.40 4.79 3.26
CA LEU B 3 -7.20 4.98 2.45
C LEU B 3 -6.23 5.96 3.08
N ALA B 4 -6.68 7.19 3.34
CA ALA B 4 -5.80 8.19 3.95
C ALA B 4 -5.35 7.69 5.31
N GLY B 5 -6.23 6.93 5.97
CA GLY B 5 -5.91 6.36 7.26
C GLY B 5 -4.71 5.44 7.17
N LEU B 6 -4.67 4.61 6.13
CA LEU B 6 -3.54 3.72 5.94
C LEU B 6 -2.38 4.47 5.31
N SER B 7 -2.70 5.30 4.31
CA SER B 7 -1.72 6.10 3.59
C SER B 7 -0.79 6.84 4.55
N SER B 8 -1.36 7.48 5.56
CA SER B 8 -0.59 8.22 6.54
C SER B 8 0.31 7.27 7.33
N SER B 9 -0.25 6.15 7.78
CA SER B 9 0.50 5.16 8.55
C SER B 9 1.55 4.46 7.68
N CYS B 10 1.20 4.18 6.43
CA CYS B 10 2.12 3.52 5.51
C CYS B 10 3.34 4.41 5.26
N CYS B 11 3.10 5.71 5.14
CA CYS B 11 4.19 6.64 4.90
C CYS B 11 4.94 6.93 6.19
N LYS B 12 4.18 7.12 7.27
CA LYS B 12 4.74 7.41 8.58
C LYS B 12 5.57 6.25 9.10
N TRP B 13 5.00 5.06 9.06
CA TRP B 13 5.66 3.87 9.55
C TRP B 13 5.90 2.87 8.43
N GLY B 14 4.82 2.44 7.81
CA GLY B 14 4.88 1.46 6.74
C GLY B 14 3.71 0.52 6.78
N CYS B 15 3.58 -0.34 5.77
CA CYS B 15 2.48 -1.28 5.70
C CYS B 15 2.93 -2.56 5.00
N SER B 16 2.34 -3.68 5.41
CA SER B 16 2.66 -4.97 4.84
C SER B 16 1.64 -5.35 3.77
N LYS B 17 1.98 -6.37 2.99
CA LYS B 17 1.13 -6.86 1.90
C LYS B 17 -0.27 -7.17 2.41
N SER B 18 -0.36 -7.68 3.61
CA SER B 18 -1.65 -8.04 4.21
C SER B 18 -2.54 -6.81 4.39
N GLU B 19 -1.98 -5.78 5.02
CA GLU B 19 -2.71 -4.54 5.28
C GLU B 19 -3.16 -3.92 3.97
N ILE B 20 -2.26 -3.90 3.00
CA ILE B 20 -2.56 -3.32 1.71
C ILE B 20 -3.56 -4.17 0.94
N SER B 21 -3.47 -5.50 1.07
CA SER B 21 -4.39 -6.39 0.38
C SER B 21 -5.81 -6.20 0.89
N SER B 22 -5.93 -5.68 2.11
CA SER B 22 -7.24 -5.44 2.71
C SER B 22 -7.96 -4.29 1.99
N LEU B 23 -7.29 -3.73 0.98
CA LEU B 23 -7.85 -2.64 0.21
C LEU B 23 -8.21 -3.09 -1.20
N CYS B 24 -8.26 -4.40 -1.41
CA CYS B 24 -8.61 -4.96 -2.71
C CYS B 24 -10.06 -5.41 -2.72
N ARG A 1 6.99 3.03 -7.21
CA ARG A 1 6.74 2.09 -6.09
C ARG A 1 7.45 0.76 -6.32
N ALA A 2 8.19 0.30 -5.33
CA ALA A 2 8.88 -0.97 -5.40
C ALA A 2 8.05 -2.01 -4.68
N ALA A 3 8.69 -3.04 -4.16
CA ALA A 3 8.00 -4.10 -3.43
C ALA A 3 7.33 -3.52 -2.18
N PRO A 4 5.99 -3.62 -2.09
CA PRO A 4 5.22 -3.10 -0.96
C PRO A 4 4.98 -4.16 0.11
N TYR A 5 6.01 -4.91 0.43
CA TYR A 5 5.90 -5.96 1.43
C TYR A 5 6.58 -5.54 2.73
N GLY A 6 5.85 -4.80 3.56
CA GLY A 6 6.40 -4.33 4.82
C GLY A 6 7.33 -3.15 4.60
N VAL A 7 6.88 -2.21 3.80
CA VAL A 7 7.67 -1.02 3.48
C VAL A 7 6.79 0.22 3.59
N ARG A 8 7.40 1.40 3.63
CA ARG A 8 6.66 2.64 3.74
C ARG A 8 5.99 2.99 2.41
N LEU A 9 4.72 3.31 2.51
CA LEU A 9 3.91 3.69 1.34
C LEU A 9 3.41 5.11 1.50
N CYS A 10 3.85 6.02 0.64
CA CYS A 10 3.41 7.41 0.72
C CYS A 10 2.63 7.82 -0.52
N GLY A 11 1.36 8.16 -0.31
CA GLY A 11 0.49 8.61 -1.39
C GLY A 11 0.50 7.71 -2.62
N ARG A 12 1.22 8.16 -3.65
CA ARG A 12 1.34 7.43 -4.90
C ARG A 12 1.88 6.02 -4.69
N GLU A 13 2.81 5.89 -3.74
CA GLU A 13 3.41 4.61 -3.44
C GLU A 13 2.41 3.71 -2.76
N PHE A 14 1.50 4.34 -2.03
CA PHE A 14 0.44 3.65 -1.31
C PHE A 14 -0.55 3.05 -2.29
N ILE A 15 -1.10 3.89 -3.16
CA ILE A 15 -2.07 3.44 -4.15
C ILE A 15 -1.50 2.38 -5.08
N ARG A 16 -0.29 2.63 -5.60
CA ARG A 16 0.32 1.65 -6.50
C ARG A 16 0.64 0.39 -5.73
N ALA A 17 0.92 0.53 -4.44
CA ALA A 17 1.22 -0.62 -3.59
C ALA A 17 -0.01 -1.51 -3.50
N VAL A 18 -1.17 -0.87 -3.38
CA VAL A 18 -2.44 -1.59 -3.32
C VAL A 18 -2.61 -2.41 -4.59
N ILE A 19 -2.42 -1.73 -5.70
CA ILE A 19 -2.53 -2.36 -6.99
C ILE A 19 -1.56 -3.52 -7.10
N PHE A 20 -0.31 -3.24 -6.78
CA PHE A 20 0.78 -4.22 -6.84
C PHE A 20 0.54 -5.44 -5.96
N THR A 21 0.12 -5.20 -4.72
CA THR A 21 -0.12 -6.30 -3.79
C THR A 21 -1.24 -7.21 -4.26
N CYS A 22 -2.29 -6.60 -4.79
CA CYS A 22 -3.45 -7.35 -5.26
C CYS A 22 -3.18 -8.05 -6.58
N GLY A 23 -2.17 -7.60 -7.33
CA GLY A 23 -1.85 -8.23 -8.60
C GLY A 23 -0.89 -7.42 -9.44
N GLY A 24 -0.95 -6.11 -9.29
CA GLY A 24 -0.10 -5.21 -10.03
C GLY A 24 -0.68 -4.85 -11.39
N SER A 25 -1.05 -5.87 -12.15
CA SER A 25 -1.63 -5.66 -13.47
C SER A 25 -3.15 -5.79 -13.41
N ARG A 26 -3.69 -5.46 -12.25
CA ARG A 26 -5.14 -5.52 -12.04
C ARG A 26 -5.77 -4.20 -12.42
N TRP A 27 -5.04 -3.15 -12.11
CA TRP A 27 -5.45 -1.78 -12.37
C TRP A 27 -4.25 -0.86 -12.22
N ASP B 1 -10.87 9.51 5.79
CA ASP B 1 -11.32 8.40 4.90
C ASP B 1 -10.73 7.09 5.38
N VAL B 2 -10.49 6.18 4.45
CA VAL B 2 -9.90 4.90 4.76
C VAL B 2 -8.48 4.83 4.21
N LEU B 3 -8.31 5.29 2.97
CA LEU B 3 -7.00 5.27 2.32
C LEU B 3 -6.00 6.21 2.97
N ALA B 4 -6.32 7.50 3.03
CA ALA B 4 -5.42 8.47 3.66
C ALA B 4 -5.18 8.06 5.10
N GLY B 5 -6.21 7.47 5.71
CA GLY B 5 -6.10 7.00 7.07
C GLY B 5 -4.99 5.96 7.21
N LEU B 6 -4.96 4.99 6.29
CA LEU B 6 -3.92 3.97 6.32
C LEU B 6 -2.61 4.56 5.83
N SER B 7 -2.72 5.40 4.81
CA SER B 7 -1.58 6.08 4.21
C SER B 7 -0.74 6.80 5.28
N SER B 8 -1.40 7.40 6.26
CA SER B 8 -0.70 8.10 7.32
C SER B 8 0.23 7.16 8.08
N SER B 9 -0.19 5.92 8.25
CA SER B 9 0.61 4.92 8.94
C SER B 9 1.58 4.24 7.97
N CYS B 10 1.11 3.94 6.78
CA CYS B 10 1.93 3.29 5.77
C CYS B 10 3.11 4.18 5.39
N CYS B 11 2.89 5.47 5.29
CA CYS B 11 3.95 6.41 4.93
C CYS B 11 4.84 6.68 6.13
N LYS B 12 4.24 6.81 7.30
CA LYS B 12 4.97 7.09 8.53
C LYS B 12 5.84 5.90 8.93
N TRP B 13 5.19 4.77 9.11
CA TRP B 13 5.85 3.56 9.54
C TRP B 13 6.04 2.60 8.36
N GLY B 14 4.93 2.18 7.79
CA GLY B 14 4.95 1.25 6.68
C GLY B 14 3.83 0.25 6.79
N CYS B 15 3.62 -0.53 5.74
CA CYS B 15 2.55 -1.53 5.74
C CYS B 15 2.98 -2.76 4.95
N SER B 16 2.42 -3.91 5.33
CA SER B 16 2.74 -5.18 4.67
C SER B 16 1.71 -5.50 3.60
N LYS B 17 2.01 -6.51 2.80
CA LYS B 17 1.14 -6.94 1.72
C LYS B 17 -0.24 -7.27 2.24
N SER B 18 -0.28 -7.87 3.41
CA SER B 18 -1.55 -8.26 4.01
C SER B 18 -2.46 -7.05 4.20
N GLU B 19 -1.92 -6.03 4.86
CA GLU B 19 -2.65 -4.79 5.12
C GLU B 19 -3.07 -4.12 3.83
N ILE B 20 -2.14 -4.04 2.89
CA ILE B 20 -2.38 -3.38 1.62
C ILE B 20 -3.37 -4.16 0.73
N SER B 21 -3.18 -5.47 0.64
CA SER B 21 -4.05 -6.29 -0.20
C SER B 21 -5.50 -6.25 0.30
N SER B 22 -5.68 -6.04 1.61
CA SER B 22 -7.01 -5.97 2.20
C SER B 22 -7.81 -4.77 1.70
N LEU B 23 -7.17 -3.93 0.89
CA LEU B 23 -7.83 -2.74 0.34
C LEU B 23 -8.62 -3.07 -0.92
N CYS B 24 -8.30 -4.20 -1.56
CA CYS B 24 -8.99 -4.60 -2.78
C CYS B 24 -10.22 -5.45 -2.46
N ARG A 1 14.09 -7.57 -0.79
CA ARG A 1 12.72 -7.61 -1.34
C ARG A 1 12.62 -6.70 -2.57
N ALA A 2 11.82 -7.10 -3.53
CA ALA A 2 11.62 -6.32 -4.75
C ALA A 2 10.14 -6.05 -4.96
N ALA A 3 9.49 -5.65 -3.87
CA ALA A 3 8.07 -5.36 -3.87
C ALA A 3 7.69 -4.64 -2.58
N PRO A 4 6.65 -3.79 -2.62
CA PRO A 4 6.19 -3.04 -1.44
C PRO A 4 5.49 -3.92 -0.40
N TYR A 5 6.10 -5.05 -0.12
CA TYR A 5 5.57 -6.00 0.85
C TYR A 5 6.21 -5.79 2.22
N GLY A 6 5.71 -4.81 2.95
CA GLY A 6 6.24 -4.52 4.27
C GLY A 6 7.26 -3.41 4.24
N VAL A 7 6.87 -2.26 3.71
CA VAL A 7 7.75 -1.10 3.64
C VAL A 7 6.96 0.20 3.82
N ARG A 8 7.61 1.32 3.57
CA ARG A 8 6.97 2.62 3.69
C ARG A 8 6.29 2.97 2.37
N LEU A 9 5.04 3.34 2.47
CA LEU A 9 4.25 3.73 1.29
C LEU A 9 3.64 5.11 1.49
N CYS A 10 4.09 6.08 0.71
CA CYS A 10 3.59 7.44 0.83
C CYS A 10 2.76 7.85 -0.38
N GLY A 11 1.48 8.11 -0.14
CA GLY A 11 0.57 8.55 -1.19
C GLY A 11 0.63 7.71 -2.46
N ARG A 12 1.32 8.22 -3.47
CA ARG A 12 1.45 7.55 -4.76
C ARG A 12 2.06 6.15 -4.61
N GLU A 13 3.01 6.01 -3.69
CA GLU A 13 3.65 4.72 -3.45
C GLU A 13 2.62 3.77 -2.87
N PHE A 14 1.78 4.32 -2.02
CA PHE A 14 0.71 3.58 -1.38
C PHE A 14 -0.27 3.05 -2.41
N ILE A 15 -0.76 3.94 -3.24
CA ILE A 15 -1.73 3.58 -4.28
C ILE A 15 -1.17 2.50 -5.21
N ARG A 16 0.05 2.68 -5.70
CA ARG A 16 0.63 1.69 -6.58
C ARG A 16 0.87 0.40 -5.81
N ALA A 17 1.20 0.53 -4.53
CA ALA A 17 1.43 -0.63 -3.68
C ALA A 17 0.15 -1.44 -3.58
N VAL A 18 -0.98 -0.73 -3.49
CA VAL A 18 -2.28 -1.38 -3.42
C VAL A 18 -2.48 -2.19 -4.69
N ILE A 19 -2.23 -1.53 -5.80
CA ILE A 19 -2.35 -2.16 -7.10
C ILE A 19 -1.51 -3.43 -7.15
N PHE A 20 -0.25 -3.28 -6.78
CA PHE A 20 0.71 -4.38 -6.78
C PHE A 20 0.32 -5.52 -5.85
N THR A 21 -0.12 -5.20 -4.64
CA THR A 21 -0.51 -6.22 -3.69
C THR A 21 -1.73 -7.00 -4.20
N CYS A 22 -2.68 -6.26 -4.77
CA CYS A 22 -3.89 -6.86 -5.31
C CYS A 22 -3.58 -7.80 -6.48
N GLY A 23 -2.52 -7.49 -7.21
CA GLY A 23 -2.14 -8.31 -8.35
C GLY A 23 -1.18 -7.62 -9.28
N GLY A 24 -1.15 -6.30 -9.20
CA GLY A 24 -0.27 -5.51 -10.03
C GLY A 24 -0.86 -5.26 -11.40
N SER A 25 -1.19 -6.35 -12.09
CA SER A 25 -1.79 -6.25 -13.42
C SER A 25 -3.31 -6.25 -13.32
N ARG A 26 -3.82 -5.47 -12.37
CA ARG A 26 -5.26 -5.35 -12.15
C ARG A 26 -5.73 -3.98 -12.56
N TRP A 27 -4.84 -3.02 -12.35
CA TRP A 27 -5.09 -1.62 -12.67
C TRP A 27 -3.79 -0.83 -12.49
N ASP B 1 -11.00 8.87 6.16
CA ASP B 1 -11.44 7.75 5.30
C ASP B 1 -10.73 6.47 5.73
N VAL B 2 -10.50 5.60 4.76
CA VAL B 2 -9.81 4.34 5.01
C VAL B 2 -8.45 4.34 4.34
N LEU B 3 -8.39 4.86 3.11
CA LEU B 3 -7.14 4.90 2.36
C LEU B 3 -6.16 5.90 2.94
N ALA B 4 -6.56 7.16 3.06
CA ALA B 4 -5.67 8.17 3.62
C ALA B 4 -5.28 7.78 5.04
N GLY B 5 -6.23 7.14 5.73
CA GLY B 5 -5.98 6.66 7.08
C GLY B 5 -4.85 5.64 7.10
N LEU B 6 -4.92 4.66 6.20
CA LEU B 6 -3.87 3.64 6.12
C LEU B 6 -2.62 4.26 5.50
N SER B 7 -2.84 5.12 4.52
CA SER B 7 -1.77 5.81 3.81
C SER B 7 -0.89 6.57 4.80
N SER B 8 -1.53 7.20 5.78
CA SER B 8 -0.80 7.94 6.82
C SER B 8 0.14 7.00 7.56
N SER B 9 -0.39 5.85 7.96
CA SER B 9 0.41 4.85 8.67
C SER B 9 1.47 4.24 7.75
N CYS B 10 1.10 4.01 6.50
CA CYS B 10 2.04 3.43 5.53
C CYS B 10 3.24 4.34 5.30
N CYS B 11 3.02 5.64 5.26
CA CYS B 11 4.10 6.58 5.05
C CYS B 11 4.83 6.85 6.36
N LYS B 12 4.08 6.93 7.43
CA LYS B 12 4.62 7.19 8.77
C LYS B 12 5.43 6.02 9.30
N TRP B 13 4.83 4.84 9.30
CA TRP B 13 5.48 3.65 9.81
C TRP B 13 5.73 2.61 8.72
N GLY B 14 4.76 2.45 7.84
CA GLY B 14 4.86 1.48 6.77
C GLY B 14 3.74 0.47 6.84
N CYS B 15 3.68 -0.42 5.87
CA CYS B 15 2.62 -1.43 5.84
C CYS B 15 3.02 -2.63 4.98
N SER B 16 2.49 -3.79 5.33
CA SER B 16 2.78 -5.03 4.63
C SER B 16 1.70 -5.35 3.60
N LYS B 17 1.95 -6.38 2.81
CA LYS B 17 1.01 -6.81 1.78
C LYS B 17 -0.36 -7.06 2.37
N SER B 18 -0.39 -7.62 3.55
CA SER B 18 -1.65 -7.92 4.22
C SER B 18 -2.49 -6.65 4.42
N GLU B 19 -1.88 -5.65 5.03
CA GLU B 19 -2.53 -4.38 5.29
C GLU B 19 -3.00 -3.72 3.99
N ILE B 20 -2.12 -3.72 3.00
CA ILE B 20 -2.43 -3.11 1.72
C ILE B 20 -3.49 -3.90 0.95
N SER B 21 -3.34 -5.22 0.91
CA SER B 21 -4.28 -6.08 0.21
C SER B 21 -5.67 -6.03 0.83
N SER B 22 -5.75 -5.53 2.07
CA SER B 22 -7.03 -5.42 2.74
C SER B 22 -7.92 -4.41 2.02
N LEU B 23 -7.31 -3.63 1.15
CA LEU B 23 -8.03 -2.62 0.38
C LEU B 23 -8.19 -3.03 -1.08
N CYS B 24 -8.15 -4.33 -1.33
CA CYS B 24 -8.28 -4.86 -2.68
C CYS B 24 -9.74 -5.21 -3.02
N ARG A 1 6.92 1.84 -6.04
CA ARG A 1 8.09 1.04 -6.46
C ARG A 1 7.77 -0.44 -6.37
N ALA A 2 8.53 -1.26 -7.09
CA ALA A 2 8.32 -2.71 -7.10
C ALA A 2 8.84 -3.39 -5.84
N ALA A 3 8.39 -2.92 -4.68
CA ALA A 3 8.79 -3.49 -3.40
C ALA A 3 7.92 -2.97 -2.25
N PRO A 4 6.59 -3.10 -2.35
CA PRO A 4 5.67 -2.64 -1.33
C PRO A 4 5.20 -3.77 -0.42
N TYR A 5 6.12 -4.65 -0.05
CA TYR A 5 5.77 -5.78 0.80
C TYR A 5 6.35 -5.64 2.20
N GLY A 6 5.75 -4.75 2.99
CA GLY A 6 6.21 -4.54 4.36
C GLY A 6 7.20 -3.40 4.45
N VAL A 7 6.83 -2.26 3.89
CA VAL A 7 7.68 -1.08 3.91
C VAL A 7 6.85 0.18 3.95
N ARG A 8 7.50 1.33 3.84
CA ARG A 8 6.80 2.60 3.84
C ARG A 8 6.25 2.92 2.46
N LEU A 9 5.00 3.32 2.46
CA LEU A 9 4.29 3.70 1.24
C LEU A 9 3.62 5.06 1.45
N CYS A 10 4.01 6.04 0.64
CA CYS A 10 3.46 7.39 0.76
C CYS A 10 2.63 7.77 -0.47
N GLY A 11 1.34 8.02 -0.25
CA GLY A 11 0.44 8.44 -1.32
C GLY A 11 0.54 7.62 -2.59
N ARG A 12 1.29 8.15 -3.56
CA ARG A 12 1.49 7.51 -4.86
C ARG A 12 2.02 6.08 -4.70
N GLU A 13 2.93 5.91 -3.74
CA GLU A 13 3.52 4.61 -3.48
C GLU A 13 2.49 3.71 -2.83
N PHE A 14 1.66 4.31 -2.00
CA PHE A 14 0.59 3.61 -1.31
C PHE A 14 -0.40 3.03 -2.30
N ILE A 15 -0.91 3.88 -3.18
CA ILE A 15 -1.89 3.47 -4.18
C ILE A 15 -1.31 2.38 -5.08
N ARG A 16 -0.13 2.61 -5.64
CA ARG A 16 0.48 1.60 -6.49
C ARG A 16 0.77 0.33 -5.70
N ALA A 17 1.06 0.49 -4.41
CA ALA A 17 1.34 -0.64 -3.54
C ALA A 17 0.09 -1.50 -3.40
N VAL A 18 -1.05 -0.85 -3.28
CA VAL A 18 -2.32 -1.55 -3.17
C VAL A 18 -2.52 -2.39 -4.39
N ILE A 19 -2.36 -1.75 -5.53
CA ILE A 19 -2.52 -2.42 -6.80
C ILE A 19 -1.54 -3.58 -6.90
N PHE A 20 -0.28 -3.29 -6.64
CA PHE A 20 0.80 -4.28 -6.73
C PHE A 20 0.61 -5.46 -5.79
N THR A 21 0.22 -5.20 -4.55
CA THR A 21 0.01 -6.26 -3.58
C THR A 21 -1.10 -7.19 -4.02
N CYS A 22 -2.16 -6.61 -4.55
CA CYS A 22 -3.31 -7.36 -5.01
C CYS A 22 -3.05 -8.09 -6.33
N GLY A 23 -2.08 -7.62 -7.11
CA GLY A 23 -1.79 -8.26 -8.38
C GLY A 23 -0.92 -7.41 -9.29
N GLY A 24 -1.04 -6.11 -9.14
CA GLY A 24 -0.28 -5.19 -9.95
C GLY A 24 -0.97 -4.85 -11.25
N SER A 25 -1.30 -5.87 -12.01
CA SER A 25 -1.98 -5.68 -13.29
C SER A 25 -3.49 -5.83 -13.13
N ARG A 26 -4.02 -5.15 -12.14
CA ARG A 26 -5.46 -5.20 -11.85
C ARG A 26 -6.09 -3.86 -12.16
N TRP A 27 -5.34 -2.82 -11.88
CA TRP A 27 -5.76 -1.44 -12.08
C TRP A 27 -4.60 -0.48 -11.77
N ASP B 1 -10.90 9.45 5.39
CA ASP B 1 -11.03 8.40 4.33
C ASP B 1 -10.32 7.13 4.77
N VAL B 2 -10.72 6.02 4.18
CA VAL B 2 -10.13 4.72 4.51
C VAL B 2 -8.67 4.69 4.09
N LEU B 3 -8.41 5.08 2.84
CA LEU B 3 -7.05 5.10 2.31
C LEU B 3 -6.18 6.06 3.11
N ALA B 4 -6.70 7.25 3.39
CA ALA B 4 -5.97 8.26 4.15
C ALA B 4 -5.48 7.69 5.48
N GLY B 5 -6.31 6.86 6.10
CA GLY B 5 -5.95 6.24 7.36
C GLY B 5 -4.74 5.32 7.22
N LEU B 6 -4.72 4.51 6.17
CA LEU B 6 -3.60 3.62 5.95
C LEU B 6 -2.43 4.37 5.36
N SER B 7 -2.72 5.22 4.37
CA SER B 7 -1.72 6.01 3.68
C SER B 7 -0.80 6.74 4.65
N SER B 8 -1.38 7.36 5.68
CA SER B 8 -0.60 8.08 6.67
C SER B 8 0.29 7.11 7.45
N SER B 9 -0.28 5.99 7.88
CA SER B 9 0.45 4.98 8.64
C SER B 9 1.50 4.29 7.77
N CYS B 10 1.15 4.01 6.51
CA CYS B 10 2.07 3.35 5.59
C CYS B 10 3.29 4.22 5.33
N CYS B 11 3.10 5.53 5.30
CA CYS B 11 4.20 6.45 5.07
C CYS B 11 4.94 6.72 6.38
N LYS B 12 4.17 6.91 7.44
CA LYS B 12 4.71 7.18 8.77
C LYS B 12 5.52 6.01 9.30
N TRP B 13 4.93 4.82 9.21
CA TRP B 13 5.58 3.62 9.69
C TRP B 13 5.82 2.62 8.58
N GLY B 14 4.76 2.29 7.86
CA GLY B 14 4.84 1.34 6.77
C GLY B 14 3.71 0.34 6.83
N CYS B 15 3.55 -0.45 5.78
CA CYS B 15 2.47 -1.43 5.72
C CYS B 15 2.93 -2.69 4.98
N SER B 16 2.39 -3.83 5.40
CA SER B 16 2.73 -5.11 4.78
C SER B 16 1.72 -5.45 3.70
N LYS B 17 2.08 -6.42 2.86
CA LYS B 17 1.22 -6.85 1.76
C LYS B 17 -0.18 -7.16 2.23
N SER B 18 -0.28 -7.77 3.39
CA SER B 18 -1.57 -8.14 3.96
C SER B 18 -2.46 -6.91 4.16
N GLU B 19 -1.93 -5.92 4.86
CA GLU B 19 -2.65 -4.70 5.16
C GLU B 19 -3.04 -3.97 3.88
N ILE B 20 -2.11 -3.92 2.94
CA ILE B 20 -2.32 -3.23 1.69
C ILE B 20 -3.32 -3.97 0.78
N SER B 21 -3.15 -5.28 0.63
CA SER B 21 -4.02 -6.08 -0.21
C SER B 21 -5.47 -6.06 0.30
N SER B 22 -5.64 -5.79 1.59
CA SER B 22 -6.96 -5.74 2.20
C SER B 22 -7.83 -4.63 1.61
N LEU B 23 -7.21 -3.74 0.85
CA LEU B 23 -7.93 -2.62 0.24
C LEU B 23 -8.58 -3.01 -1.09
N CYS B 24 -8.31 -4.20 -1.59
CA CYS B 24 -8.87 -4.63 -2.86
C CYS B 24 -10.06 -5.57 -2.68
N ARG A 1 6.93 1.92 -5.82
CA ARG A 1 8.00 1.02 -5.34
C ARG A 1 7.72 -0.42 -5.76
N ALA A 2 8.73 -1.08 -6.35
CA ALA A 2 8.59 -2.45 -6.80
C ALA A 2 8.87 -3.45 -5.66
N ALA A 3 8.39 -3.12 -4.47
CA ALA A 3 8.58 -3.97 -3.30
C ALA A 3 7.78 -3.41 -2.12
N PRO A 4 6.44 -3.33 -2.24
CA PRO A 4 5.58 -2.80 -1.19
C PRO A 4 5.10 -3.89 -0.22
N TYR A 5 5.99 -4.79 0.14
CA TYR A 5 5.65 -5.88 1.04
C TYR A 5 6.28 -5.65 2.41
N GLY A 6 5.64 -4.80 3.21
CA GLY A 6 6.15 -4.51 4.53
C GLY A 6 7.17 -3.39 4.50
N VAL A 7 6.80 -2.28 3.88
CA VAL A 7 7.69 -1.14 3.76
C VAL A 7 6.92 0.17 3.90
N ARG A 8 7.60 1.27 3.64
CA ARG A 8 6.99 2.59 3.73
C ARG A 8 6.34 2.94 2.39
N LEU A 9 5.08 3.30 2.44
CA LEU A 9 4.33 3.68 1.23
C LEU A 9 3.77 5.08 1.39
N CYS A 10 4.24 6.02 0.59
CA CYS A 10 3.77 7.40 0.67
C CYS A 10 3.00 7.81 -0.58
N GLY A 11 1.74 8.18 -0.39
CA GLY A 11 0.88 8.63 -1.47
C GLY A 11 0.88 7.73 -2.70
N ARG A 12 1.60 8.15 -3.73
CA ARG A 12 1.70 7.42 -4.98
C ARG A 12 2.23 5.99 -4.77
N GLU A 13 3.12 5.82 -3.81
CA GLU A 13 3.68 4.50 -3.52
C GLU A 13 2.61 3.65 -2.87
N PHE A 14 1.77 4.30 -2.09
CA PHE A 14 0.68 3.65 -1.40
C PHE A 14 -0.30 3.05 -2.40
N ILE A 15 -0.77 3.91 -3.30
CA ILE A 15 -1.73 3.50 -4.33
C ILE A 15 -1.17 2.37 -5.19
N ARG A 16 0.05 2.56 -5.69
CA ARG A 16 0.67 1.52 -6.51
C ARG A 16 0.87 0.26 -5.69
N ALA A 17 1.13 0.42 -4.40
CA ALA A 17 1.31 -0.71 -3.49
C ALA A 17 0.03 -1.51 -3.40
N VAL A 18 -1.10 -0.81 -3.31
CA VAL A 18 -2.41 -1.44 -3.24
C VAL A 18 -2.60 -2.31 -4.45
N ILE A 19 -2.35 -1.71 -5.59
CA ILE A 19 -2.48 -2.40 -6.85
C ILE A 19 -1.55 -3.60 -6.88
N PHE A 20 -0.29 -3.35 -6.59
CA PHE A 20 0.76 -4.37 -6.58
C PHE A 20 0.46 -5.54 -5.65
N THR A 21 0.02 -5.25 -4.44
CA THR A 21 -0.29 -6.28 -3.47
C THR A 21 -1.44 -7.16 -3.94
N CYS A 22 -2.46 -6.53 -4.51
CA CYS A 22 -3.64 -7.24 -4.98
C CYS A 22 -3.38 -7.98 -6.30
N GLY A 23 -2.44 -7.49 -7.11
CA GLY A 23 -2.16 -8.15 -8.38
C GLY A 23 -1.13 -7.41 -9.22
N GLY A 24 -1.09 -6.10 -9.07
CA GLY A 24 -0.16 -5.28 -9.82
C GLY A 24 -0.70 -4.88 -11.17
N SER A 25 -1.12 -5.85 -11.96
CA SER A 25 -1.67 -5.58 -13.27
C SER A 25 -3.19 -5.66 -13.23
N ARG A 26 -3.77 -4.92 -12.30
CA ARG A 26 -5.22 -4.90 -12.13
C ARG A 26 -5.78 -3.53 -12.44
N TRP A 27 -5.03 -2.53 -12.02
CA TRP A 27 -5.42 -1.13 -12.18
C TRP A 27 -4.24 -0.22 -11.80
N ASP B 1 -11.13 8.31 6.61
CA ASP B 1 -11.54 7.28 5.62
C ASP B 1 -10.74 6.01 5.86
N VAL B 2 -10.51 5.26 4.79
CA VAL B 2 -9.75 4.03 4.86
C VAL B 2 -8.40 4.20 4.15
N LEU B 3 -8.43 4.85 2.99
CA LEU B 3 -7.22 5.06 2.19
C LEU B 3 -6.27 6.03 2.87
N ALA B 4 -6.71 7.25 3.15
CA ALA B 4 -5.86 8.22 3.81
C ALA B 4 -5.40 7.68 5.15
N GLY B 5 -6.27 6.90 5.78
CA GLY B 5 -5.94 6.28 7.05
C GLY B 5 -4.74 5.37 6.93
N LEU B 6 -4.73 4.54 5.88
CA LEU B 6 -3.60 3.65 5.66
C LEU B 6 -2.45 4.42 5.03
N SER B 7 -2.77 5.25 4.05
CA SER B 7 -1.81 6.07 3.33
C SER B 7 -0.88 6.81 4.29
N SER B 8 -1.45 7.45 5.29
CA SER B 8 -0.65 8.18 6.27
C SER B 8 0.20 7.22 7.09
N SER B 9 -0.40 6.13 7.54
CA SER B 9 0.30 5.12 8.34
C SER B 9 1.38 4.41 7.53
N CYS B 10 1.12 4.14 6.26
CA CYS B 10 2.08 3.48 5.40
C CYS B 10 3.33 4.33 5.22
N CYS B 11 3.15 5.64 5.19
CA CYS B 11 4.28 6.55 5.02
C CYS B 11 4.91 6.85 6.38
N LYS B 12 4.06 6.99 7.39
CA LYS B 12 4.47 7.28 8.76
C LYS B 12 5.22 6.11 9.38
N TRP B 13 4.70 4.92 9.17
CA TRP B 13 5.29 3.72 9.74
C TRP B 13 5.60 2.68 8.67
N GLY B 14 4.63 2.41 7.81
CA GLY B 14 4.80 1.43 6.76
C GLY B 14 3.66 0.44 6.78
N CYS B 15 3.52 -0.34 5.71
CA CYS B 15 2.44 -1.32 5.62
C CYS B 15 2.90 -2.59 4.92
N SER B 16 2.34 -3.72 5.34
CA SER B 16 2.68 -5.01 4.75
C SER B 16 1.66 -5.38 3.69
N LYS B 17 2.01 -6.37 2.88
CA LYS B 17 1.14 -6.84 1.79
C LYS B 17 -0.24 -7.15 2.31
N SER B 18 -0.29 -7.77 3.46
CA SER B 18 -1.57 -8.16 4.07
C SER B 18 -2.50 -6.96 4.24
N GLU B 19 -2.00 -5.93 4.90
CA GLU B 19 -2.74 -4.71 5.16
C GLU B 19 -3.16 -4.03 3.88
N ILE B 20 -2.25 -3.97 2.94
CA ILE B 20 -2.50 -3.31 1.67
C ILE B 20 -3.45 -4.13 0.78
N SER B 21 -3.30 -5.44 0.77
CA SER B 21 -4.15 -6.29 -0.05
C SER B 21 -5.60 -6.21 0.41
N SER B 22 -5.80 -6.13 1.73
CA SER B 22 -7.15 -6.04 2.29
C SER B 22 -7.81 -4.69 2.00
N LEU B 23 -7.16 -3.88 1.17
CA LEU B 23 -7.70 -2.59 0.79
C LEU B 23 -8.52 -2.71 -0.50
N CYS B 24 -8.21 -3.73 -1.28
CA CYS B 24 -8.93 -3.98 -2.53
C CYS B 24 -10.27 -4.64 -2.27
N ARG A 1 8.97 3.37 -5.96
CA ARG A 1 8.39 2.07 -6.36
C ARG A 1 9.28 0.92 -5.90
N ALA A 2 8.67 -0.08 -5.28
CA ALA A 2 9.37 -1.26 -4.81
C ALA A 2 8.37 -2.32 -4.41
N ALA A 3 8.77 -3.23 -3.54
CA ALA A 3 7.90 -4.30 -3.08
C ALA A 3 7.13 -3.83 -1.85
N PRO A 4 5.79 -3.71 -1.95
CA PRO A 4 4.92 -3.27 -0.86
C PRO A 4 4.64 -4.39 0.14
N TYR A 5 5.69 -5.10 0.53
CA TYR A 5 5.55 -6.21 1.45
C TYR A 5 6.20 -5.87 2.80
N GLY A 6 5.70 -4.81 3.42
CA GLY A 6 6.24 -4.39 4.71
C GLY A 6 7.23 -3.25 4.54
N VAL A 7 6.80 -2.21 3.83
CA VAL A 7 7.65 -1.05 3.60
C VAL A 7 6.86 0.24 3.73
N ARG A 8 7.48 1.36 3.40
CA ARG A 8 6.82 2.65 3.47
C ARG A 8 6.09 2.94 2.16
N LEU A 9 4.85 3.33 2.30
CA LEU A 9 4.02 3.67 1.14
C LEU A 9 3.46 5.07 1.32
N CYS A 10 3.95 6.01 0.52
CA CYS A 10 3.50 7.39 0.62
C CYS A 10 2.70 7.80 -0.62
N GLY A 11 1.43 8.13 -0.40
CA GLY A 11 0.54 8.57 -1.48
C GLY A 11 0.53 7.67 -2.70
N ARG A 12 1.21 8.11 -3.75
CA ARG A 12 1.28 7.37 -5.01
C ARG A 12 1.87 5.97 -4.80
N GLU A 13 2.79 5.85 -3.85
CA GLU A 13 3.40 4.57 -3.55
C GLU A 13 2.37 3.65 -2.95
N PHE A 14 1.53 4.25 -2.12
CA PHE A 14 0.44 3.55 -1.45
C PHE A 14 -0.53 2.95 -2.45
N ILE A 15 -1.02 3.78 -3.34
CA ILE A 15 -1.97 3.36 -4.36
C ILE A 15 -1.39 2.26 -5.25
N ARG A 16 -0.18 2.48 -5.77
CA ARG A 16 0.44 1.48 -6.63
C ARG A 16 0.74 0.23 -5.82
N ALA A 17 0.96 0.40 -4.53
CA ALA A 17 1.22 -0.70 -3.62
C ALA A 17 0.01 -1.59 -3.52
N VAL A 18 -1.15 -0.96 -3.41
CA VAL A 18 -2.43 -1.67 -3.34
C VAL A 18 -2.58 -2.51 -4.58
N ILE A 19 -2.35 -1.88 -5.70
CA ILE A 19 -2.44 -2.53 -6.98
C ILE A 19 -1.48 -3.71 -7.02
N PHE A 20 -0.22 -3.43 -6.73
CA PHE A 20 0.85 -4.43 -6.75
C PHE A 20 0.59 -5.62 -5.84
N THR A 21 0.13 -5.36 -4.62
CA THR A 21 -0.14 -6.43 -3.68
C THR A 21 -1.26 -7.34 -4.17
N CYS A 22 -2.27 -6.73 -4.76
CA CYS A 22 -3.42 -7.48 -5.25
C CYS A 22 -3.15 -8.15 -6.60
N GLY A 23 -2.16 -7.67 -7.34
CA GLY A 23 -1.84 -8.27 -8.63
C GLY A 23 -0.83 -7.47 -9.44
N GLY A 24 -0.85 -6.16 -9.25
CA GLY A 24 0.06 -5.28 -9.96
C GLY A 24 -0.47 -4.88 -11.32
N SER A 25 -0.76 -5.86 -12.15
CA SER A 25 -1.30 -5.59 -13.48
C SER A 25 -2.81 -5.70 -13.47
N ARG A 26 -3.43 -5.03 -12.52
CA ARG A 26 -4.88 -5.05 -12.39
C ARG A 26 -5.46 -3.67 -12.66
N TRP A 27 -4.75 -2.68 -12.19
CA TRP A 27 -5.15 -1.28 -12.31
C TRP A 27 -4.02 -0.37 -11.83
N ASP B 1 -10.76 9.16 6.76
CA ASP B 1 -11.30 8.03 5.98
C ASP B 1 -10.57 6.75 6.35
N VAL B 2 -10.48 5.84 5.40
CA VAL B 2 -9.79 4.58 5.59
C VAL B 2 -8.47 4.58 4.81
N LEU B 3 -8.53 5.04 3.56
CA LEU B 3 -7.34 5.06 2.70
C LEU B 3 -6.31 6.08 3.15
N ALA B 4 -6.70 7.35 3.25
CA ALA B 4 -5.78 8.39 3.69
C ALA B 4 -5.28 8.07 5.09
N GLY B 5 -6.18 7.48 5.89
CA GLY B 5 -5.82 7.10 7.23
C GLY B 5 -4.73 6.04 7.25
N LEU B 6 -4.88 5.02 6.41
CA LEU B 6 -3.89 3.96 6.32
C LEU B 6 -2.66 4.49 5.58
N SER B 7 -2.91 5.28 4.55
CA SER B 7 -1.86 5.89 3.73
C SER B 7 -0.87 6.64 4.61
N SER B 8 -1.40 7.41 5.56
CA SER B 8 -0.57 8.18 6.47
C SER B 8 0.33 7.24 7.29
N SER B 9 -0.26 6.15 7.76
CA SER B 9 0.48 5.16 8.53
C SER B 9 1.47 4.40 7.66
N CYS B 10 1.08 4.10 6.43
CA CYS B 10 1.94 3.38 5.49
C CYS B 10 3.19 4.20 5.19
N CYS B 11 3.05 5.51 5.19
CA CYS B 11 4.19 6.38 4.91
C CYS B 11 4.98 6.65 6.19
N LYS B 12 4.25 6.84 7.29
CA LYS B 12 4.85 7.13 8.60
C LYS B 12 5.55 5.91 9.18
N TRP B 13 4.87 4.77 9.17
CA TRP B 13 5.42 3.56 9.73
C TRP B 13 5.66 2.50 8.66
N GLY B 14 4.71 2.38 7.74
CA GLY B 14 4.82 1.40 6.68
C GLY B 14 3.71 0.39 6.77
N CYS B 15 3.50 -0.37 5.71
CA CYS B 15 2.44 -1.37 5.69
C CYS B 15 2.88 -2.65 4.98
N SER B 16 2.33 -3.77 5.41
CA SER B 16 2.64 -5.07 4.84
C SER B 16 1.64 -5.43 3.76
N LYS B 17 1.96 -6.47 2.99
CA LYS B 17 1.10 -6.92 1.90
C LYS B 17 -0.31 -7.21 2.40
N SER B 18 -0.39 -7.75 3.59
CA SER B 18 -1.67 -8.09 4.18
C SER B 18 -2.57 -6.86 4.32
N GLU B 19 -2.02 -5.83 4.94
CA GLU B 19 -2.73 -4.57 5.15
C GLU B 19 -3.13 -3.93 3.83
N ILE B 20 -2.18 -3.93 2.90
CA ILE B 20 -2.39 -3.32 1.59
C ILE B 20 -3.37 -4.11 0.72
N SER B 21 -3.22 -5.43 0.69
CA SER B 21 -4.10 -6.26 -0.13
C SER B 21 -5.54 -6.20 0.35
N SER B 22 -5.72 -5.95 1.65
CA SER B 22 -7.07 -5.85 2.23
C SER B 22 -7.80 -4.61 1.75
N LEU B 23 -7.13 -3.82 0.93
CA LEU B 23 -7.71 -2.60 0.40
C LEU B 23 -8.44 -2.85 -0.92
N CYS B 24 -8.23 -4.03 -1.50
CA CYS B 24 -8.89 -4.38 -2.77
C CYS B 24 -10.21 -5.09 -2.51
N ARG A 1 5.29 1.73 -5.10
CA ARG A 1 6.60 1.08 -4.87
C ARG A 1 6.59 -0.33 -5.43
N ALA A 2 7.71 -0.74 -6.04
CA ALA A 2 7.81 -2.07 -6.63
C ALA A 2 8.21 -3.13 -5.59
N ALA A 3 7.74 -2.94 -4.36
CA ALA A 3 8.02 -3.86 -3.27
C ALA A 3 7.20 -3.50 -2.02
N PRO A 4 5.86 -3.37 -2.15
CA PRO A 4 4.99 -3.01 -1.02
C PRO A 4 4.69 -4.20 -0.10
N TYR A 5 5.72 -4.95 0.25
CA TYR A 5 5.55 -6.11 1.11
C TYR A 5 6.21 -5.88 2.46
N GLY A 6 5.77 -4.83 3.15
CA GLY A 6 6.32 -4.50 4.45
C GLY A 6 7.31 -3.36 4.36
N VAL A 7 6.89 -2.26 3.74
CA VAL A 7 7.75 -1.10 3.58
C VAL A 7 6.96 0.19 3.77
N ARG A 8 7.62 1.31 3.53
CA ARG A 8 6.98 2.61 3.65
C ARG A 8 6.29 2.97 2.34
N LEU A 9 5.03 3.35 2.45
CA LEU A 9 4.24 3.74 1.27
C LEU A 9 3.64 5.13 1.46
N CYS A 10 4.16 6.09 0.72
CA CYS A 10 3.67 7.47 0.81
C CYS A 10 2.89 7.88 -0.44
N GLY A 11 1.63 8.27 -0.24
CA GLY A 11 0.79 8.71 -1.34
C GLY A 11 0.78 7.80 -2.55
N ARG A 12 1.44 8.24 -3.61
CA ARG A 12 1.51 7.49 -4.86
C ARG A 12 2.07 6.08 -4.65
N GLU A 13 2.94 5.94 -3.65
CA GLU A 13 3.54 4.65 -3.36
C GLU A 13 2.49 3.73 -2.77
N PHE A 14 1.65 4.32 -1.94
CA PHE A 14 0.56 3.61 -1.29
C PHE A 14 -0.42 3.09 -2.32
N ILE A 15 -0.86 3.98 -3.20
CA ILE A 15 -1.81 3.62 -4.24
C ILE A 15 -1.27 2.51 -5.13
N ARG A 16 -0.08 2.69 -5.67
CA ARG A 16 0.50 1.65 -6.52
C ARG A 16 0.78 0.40 -5.70
N ALA A 17 1.01 0.58 -4.40
CA ALA A 17 1.25 -0.55 -3.50
C ALA A 17 0.00 -1.40 -3.41
N VAL A 18 -1.14 -0.73 -3.30
CA VAL A 18 -2.42 -1.41 -3.24
C VAL A 18 -2.60 -2.21 -4.52
N ILE A 19 -2.40 -1.53 -5.63
CA ILE A 19 -2.52 -2.15 -6.93
C ILE A 19 -1.61 -3.36 -7.02
N PHE A 20 -0.35 -3.17 -6.66
CA PHE A 20 0.66 -4.21 -6.72
C PHE A 20 0.30 -5.42 -5.88
N THR A 21 -0.14 -5.19 -4.65
CA THR A 21 -0.51 -6.28 -3.77
C THR A 21 -1.70 -7.05 -4.35
N CYS A 22 -2.63 -6.30 -4.92
CA CYS A 22 -3.84 -6.86 -5.53
C CYS A 22 -3.51 -7.68 -6.77
N GLY A 23 -2.38 -7.37 -7.39
CA GLY A 23 -1.97 -8.08 -8.60
C GLY A 23 -1.00 -7.26 -9.44
N GLY A 24 -0.98 -5.96 -9.20
CA GLY A 24 -0.11 -5.07 -9.94
C GLY A 24 -0.73 -4.62 -11.24
N SER A 25 -1.23 -5.58 -11.99
CA SER A 25 -1.88 -5.30 -13.26
C SER A 25 -3.39 -5.41 -13.10
N ARG A 26 -3.85 -5.20 -11.88
CA ARG A 26 -5.27 -5.24 -11.56
C ARG A 26 -5.95 -3.96 -11.98
N TRP A 27 -5.21 -2.88 -11.80
CA TRP A 27 -5.67 -1.53 -12.11
C TRP A 27 -4.51 -0.53 -11.96
N ASP B 1 -10.81 9.53 5.21
CA ASP B 1 -10.96 8.45 4.22
C ASP B 1 -10.26 7.19 4.69
N VAL B 2 -10.69 6.05 4.17
CA VAL B 2 -10.09 4.77 4.53
C VAL B 2 -8.64 4.71 4.08
N LEU B 3 -8.41 5.04 2.81
CA LEU B 3 -7.06 5.03 2.25
C LEU B 3 -6.17 6.02 2.97
N ALA B 4 -6.67 7.23 3.19
CA ALA B 4 -5.92 8.26 3.89
C ALA B 4 -5.42 7.75 5.24
N GLY B 5 -6.26 6.97 5.92
CA GLY B 5 -5.89 6.41 7.20
C GLY B 5 -4.71 5.47 7.09
N LEU B 6 -4.77 4.56 6.12
CA LEU B 6 -3.68 3.62 5.91
C LEU B 6 -2.48 4.34 5.33
N SER B 7 -2.75 5.20 4.36
CA SER B 7 -1.72 5.99 3.68
C SER B 7 -0.83 6.71 4.69
N SER B 8 -1.44 7.31 5.70
CA SER B 8 -0.70 8.02 6.74
C SER B 8 0.19 7.06 7.52
N SER B 9 -0.33 5.90 7.86
CA SER B 9 0.42 4.89 8.59
C SER B 9 1.49 4.25 7.71
N CYS B 10 1.14 3.96 6.47
CA CYS B 10 2.07 3.36 5.51
C CYS B 10 3.27 4.27 5.26
N CYS B 11 3.01 5.57 5.22
CA CYS B 11 4.07 6.54 4.98
C CYS B 11 4.86 6.79 6.27
N LYS B 12 4.14 6.83 7.39
CA LYS B 12 4.76 7.08 8.69
C LYS B 12 5.57 5.88 9.17
N TRP B 13 4.89 4.75 9.30
CA TRP B 13 5.49 3.53 9.79
C TRP B 13 5.77 2.53 8.68
N GLY B 14 4.79 2.35 7.81
CA GLY B 14 4.90 1.40 6.72
C GLY B 14 3.77 0.41 6.75
N CYS B 15 3.63 -0.39 5.71
CA CYS B 15 2.56 -1.38 5.65
C CYS B 15 3.00 -2.65 4.94
N SER B 16 2.45 -3.77 5.37
CA SER B 16 2.76 -5.07 4.80
C SER B 16 1.72 -5.43 3.75
N LYS B 17 2.01 -6.49 3.00
CA LYS B 17 1.10 -6.94 1.96
C LYS B 17 -0.27 -7.21 2.52
N SER B 18 -0.31 -7.74 3.72
CA SER B 18 -1.56 -8.07 4.38
C SER B 18 -2.44 -6.83 4.53
N GLU B 19 -1.89 -5.78 5.14
CA GLU B 19 -2.61 -4.54 5.37
C GLU B 19 -3.06 -3.92 4.06
N ILE B 20 -2.18 -3.93 3.08
CA ILE B 20 -2.48 -3.35 1.77
C ILE B 20 -3.48 -4.20 0.99
N SER B 21 -3.26 -5.51 0.96
CA SER B 21 -4.14 -6.43 0.25
C SER B 21 -5.54 -6.45 0.87
N SER B 22 -5.68 -5.89 2.06
CA SER B 22 -6.98 -5.84 2.71
C SER B 22 -7.95 -4.99 1.88
N LEU B 23 -7.38 -4.15 1.02
CA LEU B 23 -8.18 -3.30 0.15
C LEU B 23 -8.16 -3.80 -1.30
N CYS B 24 -7.98 -5.09 -1.47
CA CYS B 24 -7.92 -5.70 -2.79
C CYS B 24 -9.22 -6.37 -3.19
N ARG A 1 14.04 -1.39 -1.14
CA ARG A 1 13.43 -2.69 -1.48
C ARG A 1 12.56 -2.55 -2.73
N ALA A 2 12.76 -3.44 -3.70
CA ALA A 2 11.99 -3.39 -4.94
C ALA A 2 10.66 -4.13 -4.80
N ALA A 3 9.92 -3.81 -3.75
CA ALA A 3 8.63 -4.42 -3.48
C ALA A 3 7.95 -3.75 -2.30
N PRO A 4 6.71 -3.28 -2.49
CA PRO A 4 5.94 -2.62 -1.45
C PRO A 4 5.24 -3.61 -0.51
N TYR A 5 5.76 -4.83 -0.48
CA TYR A 5 5.19 -5.88 0.34
C TYR A 5 5.78 -5.84 1.76
N GLY A 6 5.64 -4.70 2.41
CA GLY A 6 6.15 -4.55 3.76
C GLY A 6 7.18 -3.44 3.86
N VAL A 7 6.78 -2.23 3.48
CA VAL A 7 7.66 -1.07 3.52
C VAL A 7 6.84 0.20 3.73
N ARG A 8 7.47 1.35 3.58
CA ARG A 8 6.77 2.63 3.73
C ARG A 8 6.19 3.05 2.39
N LEU A 9 4.92 3.36 2.40
CA LEU A 9 4.21 3.78 1.20
C LEU A 9 3.60 5.16 1.39
N CYS A 10 4.09 6.13 0.64
CA CYS A 10 3.59 7.50 0.75
C CYS A 10 2.77 7.90 -0.48
N GLY A 11 1.51 8.24 -0.24
CA GLY A 11 0.60 8.69 -1.29
C GLY A 11 0.61 7.83 -2.53
N ARG A 12 1.30 8.30 -3.56
CA ARG A 12 1.40 7.61 -4.84
C ARG A 12 1.97 6.20 -4.67
N GLU A 13 2.89 6.04 -3.72
CA GLU A 13 3.49 4.75 -3.45
C GLU A 13 2.46 3.83 -2.84
N PHE A 14 1.61 4.41 -2.01
CA PHE A 14 0.53 3.71 -1.35
C PHE A 14 -0.43 3.15 -2.40
N ILE A 15 -0.89 4.02 -3.28
CA ILE A 15 -1.83 3.63 -4.32
C ILE A 15 -1.25 2.53 -5.20
N ARG A 16 -0.01 2.72 -5.66
CA ARG A 16 0.62 1.71 -6.50
C ARG A 16 0.81 0.42 -5.72
N ALA A 17 1.09 0.56 -4.42
CA ALA A 17 1.26 -0.59 -3.55
C ALA A 17 -0.03 -1.40 -3.48
N VAL A 18 -1.15 -0.68 -3.44
CA VAL A 18 -2.45 -1.32 -3.42
C VAL A 18 -2.59 -2.15 -4.69
N ILE A 19 -2.33 -1.49 -5.80
CA ILE A 19 -2.37 -2.14 -7.10
C ILE A 19 -1.51 -3.40 -7.09
N PHE A 20 -0.27 -3.21 -6.67
CA PHE A 20 0.72 -4.29 -6.61
C PHE A 20 0.32 -5.44 -5.68
N THR A 21 -0.23 -5.12 -4.52
CA THR A 21 -0.62 -6.15 -3.58
C THR A 21 -1.80 -6.97 -4.10
N CYS A 22 -2.77 -6.28 -4.68
CA CYS A 22 -3.96 -6.94 -5.23
C CYS A 22 -3.60 -7.84 -6.41
N GLY A 23 -2.53 -7.50 -7.13
CA GLY A 23 -2.12 -8.29 -8.27
C GLY A 23 -1.04 -7.61 -9.09
N GLY A 24 -0.99 -6.30 -8.99
CA GLY A 24 -0.01 -5.52 -9.73
C GLY A 24 -0.45 -5.24 -11.15
N SER A 25 -0.62 -6.30 -11.92
CA SER A 25 -1.06 -6.16 -13.29
C SER A 25 -2.59 -6.20 -13.36
N ARG A 26 -3.21 -5.54 -12.41
CA ARG A 26 -4.67 -5.48 -12.34
C ARG A 26 -5.16 -4.12 -12.78
N TRP A 27 -4.37 -3.13 -12.44
CA TRP A 27 -4.64 -1.74 -12.75
C TRP A 27 -3.38 -0.90 -12.55
N ASP B 1 -9.80 9.18 5.37
CA ASP B 1 -10.74 8.04 5.19
C ASP B 1 -10.04 6.75 5.53
N VAL B 2 -10.49 5.66 4.93
CA VAL B 2 -9.89 4.36 5.14
C VAL B 2 -8.52 4.30 4.46
N LEU B 3 -8.47 4.79 3.21
CA LEU B 3 -7.22 4.80 2.46
C LEU B 3 -6.25 5.80 3.06
N ALA B 4 -6.69 7.05 3.22
CA ALA B 4 -5.84 8.07 3.82
C ALA B 4 -5.41 7.63 5.21
N GLY B 5 -6.32 6.94 5.89
CA GLY B 5 -6.03 6.42 7.21
C GLY B 5 -4.86 5.46 7.20
N LEU B 6 -4.91 4.50 6.27
CA LEU B 6 -3.81 3.53 6.15
C LEU B 6 -2.59 4.23 5.56
N SER B 7 -2.83 5.13 4.61
CA SER B 7 -1.79 5.89 3.94
C SER B 7 -0.92 6.62 4.98
N SER B 8 -1.58 7.20 5.98
CA SER B 8 -0.88 7.91 7.05
C SER B 8 0.08 6.96 7.76
N SER B 9 -0.36 5.74 8.00
CA SER B 9 0.45 4.74 8.67
C SER B 9 1.52 4.20 7.71
N CYS B 10 1.13 3.97 6.46
CA CYS B 10 2.05 3.45 5.45
C CYS B 10 3.23 4.40 5.22
N CYS B 11 2.94 5.69 5.11
CA CYS B 11 3.99 6.67 4.88
C CYS B 11 4.79 6.91 6.14
N LYS B 12 4.10 6.95 7.27
CA LYS B 12 4.73 7.19 8.56
C LYS B 12 5.61 6.03 8.99
N TRP B 13 4.98 4.87 9.12
CA TRP B 13 5.67 3.68 9.56
C TRP B 13 5.88 2.70 8.40
N GLY B 14 4.78 2.36 7.75
CA GLY B 14 4.81 1.43 6.63
C GLY B 14 3.63 0.49 6.67
N CYS B 15 3.63 -0.49 5.79
CA CYS B 15 2.55 -1.46 5.74
C CYS B 15 2.95 -2.68 4.90
N SER B 16 2.41 -3.83 5.26
CA SER B 16 2.70 -5.08 4.57
C SER B 16 1.62 -5.38 3.54
N LYS B 17 1.87 -6.41 2.73
CA LYS B 17 0.92 -6.82 1.71
C LYS B 17 -0.43 -7.13 2.33
N SER B 18 -0.40 -7.70 3.51
CA SER B 18 -1.61 -8.06 4.23
C SER B 18 -2.50 -6.83 4.47
N GLU B 19 -1.91 -5.80 5.04
CA GLU B 19 -2.62 -4.56 5.35
C GLU B 19 -3.12 -3.89 4.08
N ILE B 20 -2.26 -3.84 3.07
CA ILE B 20 -2.62 -3.20 1.81
C ILE B 20 -3.67 -4.00 1.04
N SER B 21 -3.48 -5.31 0.96
CA SER B 21 -4.42 -6.18 0.24
C SER B 21 -5.79 -6.19 0.91
N SER B 22 -5.85 -5.84 2.18
CA SER B 22 -7.12 -5.79 2.91
C SER B 22 -8.01 -4.67 2.37
N LEU B 23 -7.44 -3.85 1.49
CA LEU B 23 -8.17 -2.74 0.90
C LEU B 23 -8.30 -2.90 -0.62
N CYS B 24 -8.25 -4.15 -1.08
CA CYS B 24 -8.38 -4.44 -2.50
C CYS B 24 -9.85 -4.46 -2.91
N ARG A 1 14.10 -0.01 -5.14
CA ARG A 1 12.76 -0.38 -4.62
C ARG A 1 12.46 -1.83 -4.96
N ALA A 2 11.98 -2.58 -3.96
CA ALA A 2 11.64 -3.98 -4.15
C ALA A 2 10.14 -4.15 -4.04
N ALA A 3 9.71 -5.33 -3.64
CA ALA A 3 8.29 -5.61 -3.47
C ALA A 3 7.74 -4.91 -2.24
N PRO A 4 6.67 -4.11 -2.41
CA PRO A 4 6.04 -3.37 -1.30
C PRO A 4 5.20 -4.28 -0.42
N TYR A 5 5.80 -5.35 0.07
CA TYR A 5 5.11 -6.31 0.92
C TYR A 5 5.44 -6.09 2.40
N GLY A 6 5.87 -4.88 2.72
CA GLY A 6 6.22 -4.55 4.09
C GLY A 6 7.15 -3.38 4.15
N VAL A 7 6.72 -2.23 3.63
CA VAL A 7 7.54 -1.03 3.62
C VAL A 7 6.68 0.22 3.82
N ARG A 8 7.29 1.38 3.64
CA ARG A 8 6.59 2.64 3.80
C ARG A 8 5.95 3.04 2.48
N LEU A 9 4.68 3.38 2.56
CA LEU A 9 3.88 3.77 1.40
C LEU A 9 3.43 5.22 1.53
N CYS A 10 4.00 6.10 0.73
CA CYS A 10 3.62 7.50 0.77
C CYS A 10 2.90 7.93 -0.49
N GLY A 11 1.65 8.34 -0.33
CA GLY A 11 0.83 8.81 -1.43
C GLY A 11 0.78 7.86 -2.63
N ARG A 12 1.43 8.28 -3.71
CA ARG A 12 1.46 7.51 -4.95
C ARG A 12 2.10 6.12 -4.74
N GLU A 13 3.01 6.02 -3.78
CA GLU A 13 3.67 4.76 -3.50
C GLU A 13 2.65 3.82 -2.89
N PHE A 14 1.80 4.41 -2.06
CA PHE A 14 0.74 3.69 -1.40
C PHE A 14 -0.20 3.10 -2.42
N ILE A 15 -0.73 3.95 -3.27
CA ILE A 15 -1.67 3.54 -4.31
C ILE A 15 -1.11 2.46 -5.22
N ARG A 16 0.07 2.69 -5.79
CA ARG A 16 0.66 1.69 -6.67
C ARG A 16 0.98 0.40 -5.92
N ALA A 17 1.36 0.52 -4.65
CA ALA A 17 1.66 -0.64 -3.83
C ALA A 17 0.39 -1.45 -3.60
N VAL A 18 -0.73 -0.75 -3.41
CA VAL A 18 -2.01 -1.40 -3.21
C VAL A 18 -2.32 -2.24 -4.42
N ILE A 19 -2.15 -1.63 -5.57
CA ILE A 19 -2.38 -2.30 -6.82
C ILE A 19 -1.46 -3.51 -6.94
N PHE A 20 -0.18 -3.27 -6.73
CA PHE A 20 0.85 -4.31 -6.82
C PHE A 20 0.57 -5.49 -5.90
N THR A 21 0.23 -5.22 -4.65
CA THR A 21 -0.04 -6.28 -3.69
C THR A 21 -1.25 -7.11 -4.11
N CYS A 22 -2.27 -6.42 -4.62
CA CYS A 22 -3.50 -7.06 -5.04
C CYS A 22 -3.41 -7.70 -6.43
N GLY A 23 -2.34 -7.44 -7.17
CA GLY A 23 -2.23 -8.03 -8.49
C GLY A 23 -1.27 -7.29 -9.40
N GLY A 24 -1.15 -5.99 -9.21
CA GLY A 24 -0.28 -5.17 -10.02
C GLY A 24 -0.95 -4.73 -11.31
N SER A 25 -1.47 -5.68 -12.06
CA SER A 25 -2.15 -5.39 -13.31
C SER A 25 -3.66 -5.50 -13.12
N ARG A 26 -4.13 -5.01 -11.98
CA ARG A 26 -5.55 -5.04 -11.64
C ARG A 26 -6.19 -3.70 -11.95
N TRP A 27 -5.42 -2.65 -11.71
CA TRP A 27 -5.84 -1.27 -11.91
C TRP A 27 -4.66 -0.33 -11.67
N ASP B 1 -9.83 9.14 4.87
CA ASP B 1 -10.72 8.00 4.57
C ASP B 1 -10.02 6.69 4.89
N VAL B 2 -10.39 5.63 4.18
CA VAL B 2 -9.77 4.33 4.38
C VAL B 2 -8.34 4.35 3.82
N LEU B 3 -8.20 4.88 2.61
CA LEU B 3 -6.88 4.97 1.98
C LEU B 3 -6.02 5.97 2.71
N ALA B 4 -6.49 7.19 2.89
CA ALA B 4 -5.74 8.21 3.60
C ALA B 4 -5.40 7.70 4.99
N GLY B 5 -6.34 6.95 5.57
CA GLY B 5 -6.13 6.37 6.88
C GLY B 5 -4.94 5.43 6.90
N LEU B 6 -4.90 4.50 5.94
CA LEU B 6 -3.79 3.56 5.86
C LEU B 6 -2.54 4.30 5.39
N SER B 7 -2.73 5.17 4.41
CA SER B 7 -1.67 5.98 3.84
C SER B 7 -0.89 6.72 4.94
N SER B 8 -1.62 7.27 5.90
CA SER B 8 -1.00 7.99 7.01
C SER B 8 -0.05 7.09 7.77
N SER B 9 -0.48 5.87 8.06
CA SER B 9 0.34 4.91 8.79
C SER B 9 1.40 4.31 7.88
N CYS B 10 1.05 4.04 6.63
CA CYS B 10 1.98 3.46 5.68
C CYS B 10 3.16 4.40 5.41
N CYS B 11 2.88 5.68 5.26
CA CYS B 11 3.94 6.65 4.99
C CYS B 11 4.72 6.95 6.27
N LYS B 12 3.99 7.07 7.38
CA LYS B 12 4.58 7.36 8.68
C LYS B 12 5.43 6.20 9.17
N TRP B 13 4.87 5.01 9.11
CA TRP B 13 5.56 3.82 9.58
C TRP B 13 5.76 2.82 8.45
N GLY B 14 4.65 2.39 7.85
CA GLY B 14 4.70 1.44 6.77
C GLY B 14 3.54 0.46 6.87
N CYS B 15 3.54 -0.54 5.99
CA CYS B 15 2.48 -1.55 5.99
C CYS B 15 2.91 -2.79 5.22
N SER B 16 2.34 -3.92 5.58
CA SER B 16 2.66 -5.20 4.97
C SER B 16 1.65 -5.56 3.90
N LYS B 17 1.99 -6.58 3.10
CA LYS B 17 1.11 -7.04 2.03
C LYS B 17 -0.27 -7.34 2.55
N SER B 18 -0.33 -7.89 3.74
CA SER B 18 -1.61 -8.24 4.36
C SER B 18 -2.52 -7.02 4.49
N GLU B 19 -1.97 -5.95 5.05
CA GLU B 19 -2.70 -4.72 5.26
C GLU B 19 -3.07 -4.06 3.94
N ILE B 20 -2.12 -4.04 3.03
CA ILE B 20 -2.32 -3.42 1.71
C ILE B 20 -3.26 -4.22 0.81
N SER B 21 -3.06 -5.52 0.73
CA SER B 21 -3.89 -6.37 -0.12
C SER B 21 -5.33 -6.40 0.38
N SER B 22 -5.52 -6.35 1.70
CA SER B 22 -6.85 -6.37 2.29
C SER B 22 -7.62 -5.08 1.97
N LEU B 23 -6.97 -4.18 1.25
CA LEU B 23 -7.58 -2.91 0.87
C LEU B 23 -8.39 -3.08 -0.41
N CYS B 24 -8.05 -4.09 -1.20
CA CYS B 24 -8.74 -4.35 -2.46
C CYS B 24 -9.85 -5.38 -2.30
N ARG A 1 9.81 4.10 -4.92
CA ARG A 1 9.57 2.68 -5.30
C ARG A 1 10.14 1.74 -4.25
N ALA A 2 9.34 0.77 -3.87
CA ALA A 2 9.71 -0.23 -2.88
C ALA A 2 8.63 -1.30 -2.86
N ALA A 3 9.02 -2.54 -2.67
CA ALA A 3 8.05 -3.64 -2.64
C ALA A 3 7.11 -3.48 -1.45
N PRO A 4 5.82 -3.23 -1.72
CA PRO A 4 4.79 -3.03 -0.68
C PRO A 4 4.47 -4.29 0.13
N TYR A 5 5.50 -5.00 0.55
CA TYR A 5 5.34 -6.22 1.34
C TYR A 5 5.96 -6.04 2.71
N GLY A 6 5.82 -4.84 3.25
CA GLY A 6 6.37 -4.54 4.56
C GLY A 6 7.34 -3.38 4.51
N VAL A 7 6.95 -2.30 3.85
CA VAL A 7 7.81 -1.11 3.74
C VAL A 7 6.98 0.16 3.88
N ARG A 8 7.61 1.30 3.65
CA ARG A 8 6.92 2.58 3.73
C ARG A 8 6.35 2.96 2.37
N LEU A 9 5.09 3.30 2.37
CA LEU A 9 4.38 3.69 1.15
C LEU A 9 3.80 5.09 1.30
N CYS A 10 4.34 6.04 0.56
CA CYS A 10 3.88 7.42 0.63
C CYS A 10 3.13 7.84 -0.63
N GLY A 11 1.90 8.29 -0.43
CA GLY A 11 1.07 8.76 -1.52
C GLY A 11 1.00 7.84 -2.72
N ARG A 12 1.69 8.22 -3.79
CA ARG A 12 1.72 7.45 -5.02
C ARG A 12 2.29 6.05 -4.83
N GLU A 13 3.18 5.90 -3.86
CA GLU A 13 3.77 4.60 -3.58
C GLU A 13 2.71 3.71 -2.97
N PHE A 14 1.87 4.34 -2.17
CA PHE A 14 0.77 3.67 -1.50
C PHE A 14 -0.23 3.17 -2.51
N ILE A 15 -0.66 4.07 -3.40
CA ILE A 15 -1.63 3.73 -4.43
C ILE A 15 -1.13 2.58 -5.29
N ARG A 16 0.09 2.68 -5.79
CA ARG A 16 0.67 1.62 -6.60
C ARG A 16 0.82 0.36 -5.76
N ALA A 17 1.08 0.54 -4.47
CA ALA A 17 1.20 -0.58 -3.54
C ALA A 17 -0.10 -1.35 -3.45
N VAL A 18 -1.20 -0.59 -3.34
CA VAL A 18 -2.53 -1.20 -3.28
C VAL A 18 -2.73 -2.04 -4.52
N ILE A 19 -2.47 -1.41 -5.65
CA ILE A 19 -2.58 -2.06 -6.94
C ILE A 19 -1.77 -3.34 -6.95
N PHE A 20 -0.51 -3.19 -6.56
CA PHE A 20 0.45 -4.29 -6.50
C PHE A 20 0.00 -5.43 -5.61
N THR A 21 -0.50 -5.11 -4.42
CA THR A 21 -0.95 -6.12 -3.50
C THR A 21 -2.13 -6.92 -4.06
N CYS A 22 -3.03 -6.21 -4.73
CA CYS A 22 -4.20 -6.84 -5.33
C CYS A 22 -3.81 -7.72 -6.53
N GLY A 23 -2.74 -7.32 -7.22
CA GLY A 23 -2.29 -8.08 -8.38
C GLY A 23 -1.23 -7.33 -9.19
N GLY A 24 -1.20 -6.02 -9.04
CA GLY A 24 -0.26 -5.19 -9.75
C GLY A 24 -0.74 -4.85 -11.14
N SER A 25 -0.96 -5.85 -11.96
CA SER A 25 -1.45 -5.65 -13.31
C SER A 25 -2.98 -5.72 -13.33
N ARG A 26 -3.59 -4.99 -12.41
CA ARG A 26 -5.04 -4.97 -12.29
C ARG A 26 -5.59 -3.60 -12.65
N TRP A 27 -4.86 -2.59 -12.26
CA TRP A 27 -5.22 -1.20 -12.49
C TRP A 27 -4.05 -0.28 -12.17
N ASP B 1 -12.18 8.01 5.51
CA ASP B 1 -11.60 7.18 4.42
C ASP B 1 -10.88 5.99 5.01
N VAL B 2 -10.52 5.06 4.16
CA VAL B 2 -9.79 3.88 4.53
C VAL B 2 -8.36 3.97 4.01
N LEU B 3 -8.23 4.46 2.77
CA LEU B 3 -6.92 4.60 2.15
C LEU B 3 -6.08 5.62 2.88
N ALA B 4 -6.61 6.83 3.03
CA ALA B 4 -5.89 7.89 3.74
C ALA B 4 -5.47 7.42 5.13
N GLY B 5 -6.33 6.61 5.74
CA GLY B 5 -6.03 6.06 7.05
C GLY B 5 -4.81 5.16 7.03
N LEU B 6 -4.78 4.21 6.08
CA LEU B 6 -3.65 3.30 5.97
C LEU B 6 -2.44 4.06 5.41
N SER B 7 -2.71 4.93 4.45
CA SER B 7 -1.70 5.75 3.80
C SER B 7 -0.89 6.52 4.84
N SER B 8 -1.59 7.08 5.83
CA SER B 8 -0.94 7.83 6.89
C SER B 8 0.08 6.95 7.62
N SER B 9 -0.31 5.72 7.91
CA SER B 9 0.56 4.77 8.59
C SER B 9 1.64 4.26 7.64
N CYS B 10 1.25 3.97 6.39
CA CYS B 10 2.19 3.48 5.39
C CYS B 10 3.35 4.43 5.17
N CYS B 11 3.05 5.71 5.06
CA CYS B 11 4.10 6.70 4.83
C CYS B 11 4.84 7.02 6.13
N LYS B 12 4.10 7.12 7.22
CA LYS B 12 4.66 7.43 8.53
C LYS B 12 5.56 6.31 9.03
N TRP B 13 5.05 5.09 8.99
CA TRP B 13 5.79 3.94 9.47
C TRP B 13 6.01 2.92 8.36
N GLY B 14 4.91 2.52 7.74
CA GLY B 14 4.96 1.55 6.67
C GLY B 14 3.76 0.62 6.74
N CYS B 15 3.77 -0.43 5.92
CA CYS B 15 2.68 -1.39 5.91
C CYS B 15 3.06 -2.65 5.15
N SER B 16 2.44 -3.76 5.55
CA SER B 16 2.69 -5.07 4.96
C SER B 16 1.70 -5.34 3.84
N LYS B 17 2.00 -6.35 3.03
CA LYS B 17 1.13 -6.72 1.93
C LYS B 17 -0.25 -7.03 2.44
N SER B 18 -0.31 -7.71 3.57
CA SER B 18 -1.57 -8.10 4.18
C SER B 18 -2.47 -6.89 4.44
N GLU B 19 -1.88 -5.87 5.05
CA GLU B 19 -2.61 -4.64 5.36
C GLU B 19 -3.07 -3.95 4.09
N ILE B 20 -2.17 -3.84 3.13
CA ILE B 20 -2.49 -3.19 1.87
C ILE B 20 -3.51 -3.99 1.06
N SER B 21 -3.37 -5.32 1.08
CA SER B 21 -4.28 -6.19 0.35
C SER B 21 -5.68 -6.11 0.92
N SER B 22 -5.78 -5.73 2.19
CA SER B 22 -7.08 -5.59 2.84
C SER B 22 -7.89 -4.44 2.25
N LEU B 23 -7.27 -3.68 1.34
CA LEU B 23 -7.92 -2.56 0.71
C LEU B 23 -8.23 -2.88 -0.76
N CYS B 24 -8.26 -4.16 -1.10
CA CYS B 24 -8.56 -4.59 -2.46
C CYS B 24 -10.05 -4.86 -2.60
N ARG A 1 16.02 -5.54 -1.24
CA ARG A 1 14.55 -5.40 -1.08
C ARG A 1 13.99 -4.68 -2.29
N ALA A 2 12.89 -5.18 -2.84
CA ALA A 2 12.28 -4.58 -4.02
C ALA A 2 10.82 -5.03 -4.15
N ALA A 3 10.04 -4.78 -3.11
CA ALA A 3 8.64 -5.16 -3.10
C ALA A 3 7.90 -4.42 -2.00
N PRO A 4 6.70 -3.90 -2.29
CA PRO A 4 5.88 -3.16 -1.32
C PRO A 4 5.24 -4.08 -0.27
N TYR A 5 6.01 -5.04 0.19
CA TYR A 5 5.54 -6.00 1.18
C TYR A 5 6.19 -5.70 2.52
N GLY A 6 5.58 -4.79 3.28
CA GLY A 6 6.12 -4.41 4.57
C GLY A 6 7.12 -3.29 4.46
N VAL A 7 6.72 -2.23 3.77
CA VAL A 7 7.59 -1.06 3.58
C VAL A 7 6.79 0.22 3.71
N ARG A 8 7.44 1.36 3.57
CA ARG A 8 6.78 2.64 3.65
C ARG A 8 6.20 3.02 2.30
N LEU A 9 4.93 3.36 2.31
CA LEU A 9 4.22 3.76 1.10
C LEU A 9 3.62 5.15 1.26
N CYS A 10 4.07 6.09 0.45
CA CYS A 10 3.57 7.46 0.53
C CYS A 10 2.83 7.87 -0.74
N GLY A 11 1.57 8.24 -0.57
CA GLY A 11 0.74 8.69 -1.69
C GLY A 11 0.70 7.72 -2.86
N ARG A 12 1.37 8.10 -3.94
CA ARG A 12 1.41 7.29 -5.16
C ARG A 12 2.00 5.90 -4.91
N GLU A 13 2.92 5.80 -3.95
CA GLU A 13 3.54 4.53 -3.62
C GLU A 13 2.50 3.65 -2.96
N PHE A 14 1.65 4.28 -2.16
CA PHE A 14 0.58 3.61 -1.46
C PHE A 14 -0.39 3.00 -2.45
N ILE A 15 -0.86 3.80 -3.38
CA ILE A 15 -1.80 3.35 -4.39
C ILE A 15 -1.20 2.23 -5.24
N ARG A 16 0.02 2.45 -5.74
CA ARG A 16 0.67 1.44 -6.55
C ARG A 16 0.90 0.17 -5.74
N ALA A 17 1.16 0.33 -4.45
CA ALA A 17 1.38 -0.81 -3.57
C ALA A 17 0.11 -1.64 -3.47
N VAL A 18 -1.03 -0.97 -3.39
CA VAL A 18 -2.32 -1.64 -3.31
C VAL A 18 -2.50 -2.49 -4.54
N ILE A 19 -2.26 -1.87 -5.67
CA ILE A 19 -2.36 -2.54 -6.93
C ILE A 19 -1.42 -3.73 -6.99
N PHE A 20 -0.16 -3.47 -6.68
CA PHE A 20 0.90 -4.48 -6.70
C PHE A 20 0.61 -5.67 -5.77
N THR A 21 0.17 -5.38 -4.56
CA THR A 21 -0.12 -6.43 -3.60
C THR A 21 -1.26 -7.33 -4.08
N CYS A 22 -2.27 -6.70 -4.68
CA CYS A 22 -3.44 -7.42 -5.16
C CYS A 22 -3.17 -8.12 -6.50
N GLY A 23 -2.23 -7.61 -7.30
CA GLY A 23 -1.95 -8.23 -8.59
C GLY A 23 -0.92 -7.46 -9.41
N GLY A 24 -0.91 -6.15 -9.26
CA GLY A 24 0.02 -5.31 -9.98
C GLY A 24 -0.52 -4.89 -11.34
N SER A 25 -0.87 -5.87 -12.16
CA SER A 25 -1.42 -5.58 -13.48
C SER A 25 -2.94 -5.70 -13.46
N ARG A 26 -3.55 -5.01 -12.50
CA ARG A 26 -4.99 -5.05 -12.35
C ARG A 26 -5.59 -3.69 -12.63
N TRP A 27 -4.88 -2.67 -12.17
CA TRP A 27 -5.30 -1.28 -12.31
C TRP A 27 -4.15 -0.35 -11.90
N ASP B 1 -10.06 9.04 5.53
CA ASP B 1 -10.93 7.84 5.40
C ASP B 1 -10.15 6.60 5.78
N VAL B 2 -10.53 5.47 5.21
CA VAL B 2 -9.83 4.22 5.47
C VAL B 2 -8.48 4.21 4.77
N LEU B 3 -8.47 4.67 3.51
CA LEU B 3 -7.23 4.73 2.74
C LEU B 3 -6.31 5.80 3.29
N ALA B 4 -6.80 7.03 3.40
CA ALA B 4 -5.98 8.11 3.94
C ALA B 4 -5.53 7.75 5.35
N GLY B 5 -6.41 7.10 6.09
CA GLY B 5 -6.09 6.67 7.43
C GLY B 5 -4.93 5.68 7.45
N LEU B 6 -5.00 4.66 6.59
CA LEU B 6 -3.95 3.68 6.51
C LEU B 6 -2.70 4.30 5.88
N SER B 7 -2.94 5.09 4.85
CA SER B 7 -1.89 5.79 4.12
C SER B 7 -1.00 6.60 5.07
N SER B 8 -1.64 7.25 6.04
CA SER B 8 -0.92 8.04 7.04
C SER B 8 0.08 7.17 7.80
N SER B 9 -0.29 5.91 8.02
CA SER B 9 0.58 4.98 8.72
C SER B 9 1.56 4.32 7.75
N CYS B 10 1.08 4.01 6.54
CA CYS B 10 1.93 3.39 5.52
C CYS B 10 3.11 4.29 5.18
N CYS B 11 2.86 5.59 5.09
CA CYS B 11 3.91 6.53 4.76
C CYS B 11 4.77 6.85 5.98
N LYS B 12 4.11 7.01 7.13
CA LYS B 12 4.80 7.32 8.38
C LYS B 12 5.67 6.16 8.85
N TRP B 13 5.08 4.99 8.90
CA TRP B 13 5.79 3.81 9.37
C TRP B 13 5.96 2.79 8.24
N GLY B 14 4.84 2.39 7.66
CA GLY B 14 4.86 1.41 6.59
C GLY B 14 3.69 0.47 6.68
N CYS B 15 3.51 -0.38 5.69
CA CYS B 15 2.40 -1.32 5.67
C CYS B 15 2.80 -2.62 4.99
N SER B 16 2.21 -3.72 5.43
CA SER B 16 2.49 -5.04 4.89
C SER B 16 1.49 -5.40 3.81
N LYS B 17 1.81 -6.45 3.05
CA LYS B 17 0.93 -6.91 1.97
C LYS B 17 -0.48 -7.16 2.48
N SER B 18 -0.56 -7.69 3.67
CA SER B 18 -1.84 -7.98 4.29
C SER B 18 -2.72 -6.73 4.39
N GLU B 19 -2.17 -5.70 5.00
CA GLU B 19 -2.86 -4.43 5.19
C GLU B 19 -3.19 -3.78 3.85
N ILE B 20 -2.24 -3.81 2.94
CA ILE B 20 -2.40 -3.19 1.64
C ILE B 20 -3.39 -3.95 0.75
N SER B 21 -3.28 -5.27 0.71
CA SER B 21 -4.16 -6.08 -0.12
C SER B 21 -5.62 -6.00 0.37
N SER B 22 -5.79 -5.75 1.66
CA SER B 22 -7.12 -5.64 2.24
C SER B 22 -7.85 -4.38 1.75
N LEU B 23 -7.15 -3.59 0.95
CA LEU B 23 -7.72 -2.37 0.40
C LEU B 23 -8.42 -2.61 -0.93
N CYS B 24 -8.23 -3.81 -1.49
CA CYS B 24 -8.87 -4.16 -2.75
C CYS B 24 -10.21 -4.83 -2.52
N ARG A 1 11.02 1.91 -1.94
CA ARG A 1 11.84 0.82 -2.55
C ARG A 1 10.99 0.04 -3.56
N ALA A 2 11.65 -0.62 -4.49
CA ALA A 2 10.96 -1.40 -5.52
C ALA A 2 10.42 -2.72 -4.95
N ALA A 3 9.67 -2.61 -3.86
CA ALA A 3 9.09 -3.75 -3.18
C ALA A 3 8.14 -3.28 -2.09
N PRO A 4 6.87 -3.01 -2.46
CA PRO A 4 5.85 -2.54 -1.51
C PRO A 4 5.30 -3.64 -0.62
N TYR A 5 6.19 -4.54 -0.19
CA TYR A 5 5.80 -5.64 0.66
C TYR A 5 6.47 -5.50 2.03
N GLY A 6 5.77 -4.83 2.94
CA GLY A 6 6.32 -4.62 4.26
C GLY A 6 7.32 -3.48 4.30
N VAL A 7 6.84 -2.28 4.02
CA VAL A 7 7.70 -1.11 4.01
C VAL A 7 6.84 0.15 4.06
N ARG A 8 7.47 1.30 3.92
CA ARG A 8 6.77 2.57 3.93
C ARG A 8 6.25 2.91 2.54
N LEU A 9 4.99 3.27 2.50
CA LEU A 9 4.31 3.64 1.26
C LEU A 9 3.66 5.01 1.41
N CYS A 10 4.13 5.97 0.63
CA CYS A 10 3.60 7.33 0.70
C CYS A 10 2.83 7.70 -0.56
N GLY A 11 1.55 8.04 -0.37
CA GLY A 11 0.69 8.46 -1.47
C GLY A 11 0.78 7.60 -2.72
N ARG A 12 1.52 8.09 -3.70
CA ARG A 12 1.70 7.41 -4.98
C ARG A 12 2.20 5.98 -4.79
N GLU A 13 3.14 5.79 -3.87
CA GLU A 13 3.69 4.48 -3.60
C GLU A 13 2.64 3.62 -2.95
N PHE A 14 1.84 4.26 -2.12
CA PHE A 14 0.76 3.60 -1.41
C PHE A 14 -0.26 3.03 -2.39
N ILE A 15 -0.79 3.89 -3.24
CA ILE A 15 -1.79 3.48 -4.22
C ILE A 15 -1.25 2.39 -5.13
N ARG A 16 -0.06 2.59 -5.68
CA ARG A 16 0.52 1.58 -6.56
C ARG A 16 0.77 0.29 -5.79
N ALA A 17 1.13 0.42 -4.52
CA ALA A 17 1.36 -0.74 -3.67
C ALA A 17 0.10 -1.54 -3.51
N VAL A 18 -1.02 -0.85 -3.37
CA VAL A 18 -2.32 -1.50 -3.23
C VAL A 18 -2.56 -2.33 -4.47
N ILE A 19 -2.37 -1.70 -5.60
CA ILE A 19 -2.54 -2.35 -6.87
C ILE A 19 -1.63 -3.56 -6.96
N PHE A 20 -0.35 -3.32 -6.72
CA PHE A 20 0.70 -4.33 -6.78
C PHE A 20 0.45 -5.53 -5.86
N THR A 21 0.05 -5.25 -4.63
CA THR A 21 -0.19 -6.31 -3.67
C THR A 21 -1.37 -7.19 -4.09
N CYS A 22 -2.40 -6.55 -4.60
CA CYS A 22 -3.61 -7.23 -5.04
C CYS A 22 -3.43 -7.94 -6.38
N GLY A 23 -2.44 -7.54 -7.17
CA GLY A 23 -2.23 -8.16 -8.46
C GLY A 23 -1.25 -7.40 -9.34
N GLY A 24 -1.21 -6.10 -9.17
CA GLY A 24 -0.32 -5.25 -9.94
C GLY A 24 -0.90 -4.87 -11.28
N SER A 25 -1.28 -5.86 -12.07
CA SER A 25 -1.86 -5.61 -13.38
C SER A 25 -3.40 -5.67 -13.29
N ARG A 26 -3.93 -5.00 -12.28
CA ARG A 26 -5.38 -4.95 -12.08
C ARG A 26 -5.90 -3.57 -12.37
N TRP A 27 -5.11 -2.60 -11.98
CA TRP A 27 -5.43 -1.18 -12.15
C TRP A 27 -4.19 -0.35 -11.85
N ASP B 1 -9.84 9.16 5.35
CA ASP B 1 -10.76 8.07 4.91
C ASP B 1 -10.12 6.72 5.11
N VAL B 2 -10.56 5.72 4.36
CA VAL B 2 -10.01 4.38 4.47
C VAL B 2 -8.59 4.33 3.93
N LEU B 3 -8.40 4.88 2.74
CA LEU B 3 -7.08 4.91 2.12
C LEU B 3 -6.19 5.92 2.82
N ALA B 4 -6.68 7.14 3.00
CA ALA B 4 -5.89 8.17 3.67
C ALA B 4 -5.51 7.69 5.06
N GLY B 5 -6.43 6.97 5.70
CA GLY B 5 -6.18 6.43 7.02
C GLY B 5 -5.02 5.45 7.01
N LEU B 6 -5.04 4.50 6.08
CA LEU B 6 -3.98 3.52 5.96
C LEU B 6 -2.71 4.20 5.42
N SER B 7 -2.91 5.09 4.47
CA SER B 7 -1.84 5.85 3.84
C SER B 7 -1.03 6.59 4.90
N SER B 8 -1.72 7.18 5.87
CA SER B 8 -1.06 7.90 6.95
C SER B 8 -0.10 6.99 7.69
N SER B 9 -0.53 5.77 7.97
CA SER B 9 0.29 4.80 8.67
C SER B 9 1.37 4.22 7.74
N CYS B 10 1.00 3.96 6.50
CA CYS B 10 1.93 3.41 5.52
C CYS B 10 3.11 4.36 5.28
N CYS B 11 2.84 5.65 5.17
CA CYS B 11 3.89 6.62 4.93
C CYS B 11 4.63 6.93 6.22
N LYS B 12 3.89 7.03 7.32
CA LYS B 12 4.47 7.33 8.63
C LYS B 12 5.34 6.20 9.14
N TRP B 13 4.79 4.99 9.13
CA TRP B 13 5.50 3.84 9.62
C TRP B 13 5.74 2.82 8.50
N GLY B 14 4.66 2.43 7.85
CA GLY B 14 4.73 1.46 6.78
C GLY B 14 3.57 0.49 6.83
N CYS B 15 3.60 -0.51 5.97
CA CYS B 15 2.54 -1.50 5.92
C CYS B 15 2.98 -2.73 5.11
N SER B 16 2.46 -3.89 5.49
CA SER B 16 2.79 -5.14 4.84
C SER B 16 1.78 -5.46 3.75
N LYS B 17 2.10 -6.45 2.93
CA LYS B 17 1.24 -6.87 1.84
C LYS B 17 -0.15 -7.20 2.35
N SER B 18 -0.21 -7.79 3.51
CA SER B 18 -1.47 -8.17 4.13
C SER B 18 -2.38 -6.95 4.33
N GLU B 19 -1.83 -5.91 4.94
CA GLU B 19 -2.56 -4.67 5.20
C GLU B 19 -2.98 -4.00 3.91
N ILE B 20 -2.06 -3.93 2.97
CA ILE B 20 -2.30 -3.29 1.68
C ILE B 20 -3.28 -4.07 0.82
N SER B 21 -3.13 -5.39 0.76
CA SER B 21 -4.00 -6.23 -0.05
C SER B 21 -5.44 -6.17 0.46
N SER B 22 -5.59 -6.10 1.78
CA SER B 22 -6.92 -6.05 2.40
C SER B 22 -7.60 -4.70 2.14
N LEU B 23 -6.96 -3.85 1.34
CA LEU B 23 -7.50 -2.55 1.00
C LEU B 23 -8.34 -2.64 -0.28
N CYS B 24 -8.06 -3.66 -1.09
CA CYS B 24 -8.78 -3.88 -2.33
C CYS B 24 -10.16 -4.48 -2.08
#